data_3QUK
#
_entry.id   3QUK
#
_cell.length_a   118.510
_cell.length_b   126.210
_cell.length_c   96.470
_cell.angle_alpha   90.00
_cell.angle_beta   124.54
_cell.angle_gamma   90.00
#
_symmetry.space_group_name_H-M   'C 1 2 1'
#
loop_
_entity.id
_entity.type
_entity.pdbx_description
1 polymer 'H-2 class I histocompatibility antigen, D-B alpha chain'
2 polymer Beta-2-microglobulin
3 polymer 'Pre-glycoprotein polyprotein GP complex'
4 water water
#
loop_
_entity_poly.entity_id
_entity_poly.type
_entity_poly.pdbx_seq_one_letter_code
_entity_poly.pdbx_strand_id
1 'polypeptide(L)'
;GPHSMRYFETAVSRPGLEEPRYISVGYVDNKEFVRFDSDAENPRYEPRAPWMEQEGPEYWERETQKAKGQEQWFRVSLRN
LLGYYNQSAGGSHTLQQMSGCDLGSDWRLLRGYLQFAYEGRDYIALNEDLKTWTAADMAAQITRRKWEQSGAAEHYKAYL
EGECVEWLHRYLKNGNATLLRTDSPKAHVTHHPRSKGEVTLRCWALGFYPADITLTWQLNGEELTQDMELVETRPAGDGT
FQKWASVVVPLGKEQNYTCRVYHEGLPEPLTLRWEP
;
A,D
2 'polypeptide(L)'
;IQKTPQIQVYSRHPPENGKPNILNCYVTQFHPPHIEIQMLKNGKKIPKVEMSDMSFSKDWSFYILAHTEFTPTETDTYAC
RVKHDSMAEPKTVYWDRDM
;
B,E
3 'polypeptide(L)' KAVANFATM C,F
#
# COMPACT_ATOMS: atom_id res chain seq x y z
N GLY A 1 8.46 -6.60 4.42
CA GLY A 1 7.70 -5.46 3.82
C GLY A 1 7.77 -5.44 2.30
N PRO A 2 7.28 -4.35 1.68
CA PRO A 2 7.22 -4.27 0.22
C PRO A 2 8.60 -3.98 -0.41
N HIS A 3 8.72 -4.20 -1.71
CA HIS A 3 9.98 -4.02 -2.39
C HIS A 3 9.76 -3.42 -3.77
N SER A 4 10.83 -2.93 -4.38
CA SER A 4 10.74 -2.31 -5.69
C SER A 4 12.06 -2.31 -6.45
N MET A 5 11.98 -2.19 -7.75
CA MET A 5 13.15 -1.94 -8.57
C MET A 5 12.82 -0.85 -9.56
N ARG A 6 13.74 0.08 -9.75
CA ARG A 6 13.59 1.09 -10.79
C ARG A 6 14.88 1.26 -11.53
N TYR A 7 14.76 1.51 -12.83
CA TYR A 7 15.83 2.11 -13.59
C TYR A 7 15.41 3.50 -14.06
N PHE A 8 16.22 4.49 -13.72
CA PHE A 8 16.05 5.89 -14.15
C PHE A 8 17.12 6.20 -15.21
N GLU A 9 16.69 6.59 -16.41
CA GLU A 9 17.59 6.77 -17.51
C GLU A 9 17.41 8.18 -18.05
N THR A 10 18.52 8.81 -18.43
CA THR A 10 18.52 10.15 -18.98
C THR A 10 19.38 10.24 -20.21
N ALA A 11 18.87 10.91 -21.24
CA ALA A 11 19.69 11.29 -22.37
C ALA A 11 19.57 12.79 -22.58
N VAL A 12 20.72 13.46 -22.73
CA VAL A 12 20.75 14.91 -22.84
C VAL A 12 21.57 15.38 -24.05
N SER A 13 20.91 16.07 -24.97
CA SER A 13 21.58 16.73 -26.04
C SER A 13 21.96 18.16 -25.70
N ARG A 14 23.08 18.61 -26.23
CA ARG A 14 23.49 20.01 -26.16
C ARG A 14 23.92 20.46 -27.54
N PRO A 15 23.93 21.77 -27.74
CA PRO A 15 24.09 22.37 -29.06
C PRO A 15 25.17 21.82 -29.96
N GLY A 16 26.42 21.80 -29.53
CA GLY A 16 27.49 21.33 -30.39
C GLY A 16 27.69 19.84 -30.23
N LEU A 17 27.98 19.46 -29.00
CA LEU A 17 28.11 18.06 -28.60
C LEU A 17 27.72 17.17 -29.75
N GLU A 18 28.65 16.43 -30.32
CA GLU A 18 28.22 15.52 -31.36
C GLU A 18 27.09 14.66 -30.82
N GLU A 19 27.41 13.77 -29.89
CA GLU A 19 26.42 12.84 -29.35
C GLU A 19 25.96 13.21 -27.96
N PRO A 20 24.80 12.71 -27.60
CA PRO A 20 24.21 12.95 -26.30
C PRO A 20 24.84 12.11 -25.22
N ARG A 21 24.78 12.59 -24.00
CA ARG A 21 25.21 11.84 -22.86
C ARG A 21 24.06 11.05 -22.32
N TYR A 22 24.28 9.76 -22.18
CA TYR A 22 23.30 8.82 -21.64
C TYR A 22 23.74 8.31 -20.28
N ILE A 23 22.82 8.34 -19.31
CA ILE A 23 23.04 7.79 -17.96
C ILE A 23 21.90 6.87 -17.54
N SER A 24 22.24 5.67 -17.07
CA SER A 24 21.27 4.78 -16.47
C SER A 24 21.65 4.45 -15.05
N VAL A 25 20.70 4.61 -14.13
CA VAL A 25 20.91 4.30 -12.71
C VAL A 25 19.85 3.30 -12.27
N GLY A 26 20.28 2.22 -11.61
CA GLY A 26 19.36 1.19 -11.13
C GLY A 26 19.19 1.25 -9.61
N TYR A 27 17.95 1.03 -9.14
CA TYR A 27 17.64 1.09 -7.72
C TYR A 27 16.91 -0.16 -7.28
N VAL A 28 17.26 -0.65 -6.09
CA VAL A 28 16.54 -1.73 -5.45
C VAL A 28 16.16 -1.18 -4.09
N ASP A 29 14.87 -1.20 -3.77
CA ASP A 29 14.33 -0.52 -2.60
C ASP A 29 14.89 0.90 -2.45
N ASN A 30 14.84 1.65 -3.54
CA ASN A 30 15.31 3.05 -3.60
C ASN A 30 16.80 3.30 -3.30
N LYS A 31 17.58 2.25 -3.10
CA LYS A 31 19.04 2.38 -2.97
C LYS A 31 19.70 2.06 -4.32
N GLU A 32 20.53 2.97 -4.81
CA GLU A 32 21.31 2.76 -6.03
C GLU A 32 22.17 1.50 -5.94
N PHE A 33 22.14 0.67 -6.99
CA PHE A 33 22.91 -0.57 -6.99
C PHE A 33 23.75 -0.81 -8.26
N VAL A 34 23.37 -0.17 -9.37
CA VAL A 34 24.14 -0.20 -10.61
C VAL A 34 24.11 1.15 -11.32
N ARG A 35 25.12 1.44 -12.13
CA ARG A 35 25.17 2.71 -12.84
C ARG A 35 25.98 2.60 -14.12
N PHE A 36 25.48 3.27 -15.16
CA PHE A 36 26.15 3.35 -16.45
C PHE A 36 26.13 4.82 -16.91
N ASP A 37 27.27 5.31 -17.38
CA ASP A 37 27.42 6.68 -17.84
C ASP A 37 28.32 6.67 -19.04
N SER A 38 27.83 7.19 -20.15
CA SER A 38 28.54 7.17 -21.40
C SER A 38 29.69 8.16 -21.45
N ASP A 39 29.74 9.04 -20.46
CA ASP A 39 30.82 9.99 -20.30
C ASP A 39 32.05 9.33 -19.70
N ALA A 40 31.87 8.22 -19.02
CA ALA A 40 33.00 7.59 -18.38
C ALA A 40 34.02 7.08 -19.38
N GLU A 41 35.26 7.02 -18.92
CA GLU A 41 36.41 6.58 -19.70
C GLU A 41 36.12 5.25 -20.35
N ASN A 42 35.75 4.28 -19.52
CA ASN A 42 35.30 2.98 -19.98
C ASN A 42 33.84 2.83 -19.63
N PRO A 43 32.95 3.11 -20.57
CA PRO A 43 31.53 3.15 -20.29
C PRO A 43 30.93 1.77 -20.09
N ARG A 44 30.43 1.50 -18.89
CA ARG A 44 29.86 0.22 -18.58
C ARG A 44 29.11 0.28 -17.26
N TYR A 45 28.21 -0.67 -17.06
CA TYR A 45 27.47 -0.78 -15.82
C TYR A 45 28.45 -1.24 -14.77
N GLU A 46 28.49 -0.53 -13.64
CA GLU A 46 29.35 -0.86 -12.52
C GLU A 46 28.48 -1.22 -11.32
N PRO A 47 28.96 -2.11 -10.44
CA PRO A 47 28.24 -2.31 -9.20
C PRO A 47 28.28 -1.03 -8.38
N ARG A 48 27.24 -0.79 -7.60
CA ARG A 48 27.17 0.41 -6.80
C ARG A 48 26.91 0.05 -5.36
N ALA A 49 26.78 -1.25 -5.12
CA ALA A 49 26.71 -1.80 -3.78
C ALA A 49 27.60 -3.04 -3.73
N PRO A 50 28.40 -3.20 -2.64
CA PRO A 50 29.29 -4.36 -2.49
C PRO A 50 28.61 -5.71 -2.75
N TRP A 51 27.30 -5.80 -2.52
CA TRP A 51 26.58 -7.05 -2.75
C TRP A 51 26.36 -7.38 -4.23
N MET A 52 26.75 -6.48 -5.12
CA MET A 52 26.61 -6.70 -6.56
C MET A 52 27.88 -7.24 -7.22
N GLU A 53 29.02 -6.98 -6.58
CA GLU A 53 30.33 -7.49 -7.06
C GLU A 53 30.33 -9.01 -7.28
N GLN A 54 29.40 -9.69 -6.61
CA GLN A 54 29.21 -11.14 -6.69
C GLN A 54 28.67 -11.64 -8.06
N GLU A 55 28.14 -10.74 -8.89
CA GLU A 55 27.66 -11.15 -10.22
C GLU A 55 28.83 -11.49 -11.15
N GLY A 56 28.70 -12.59 -11.88
CA GLY A 56 29.73 -13.02 -12.83
C GLY A 56 29.90 -12.06 -13.99
N PRO A 57 30.86 -12.34 -14.90
CA PRO A 57 31.14 -11.48 -16.05
C PRO A 57 30.06 -11.49 -17.14
N GLU A 58 29.21 -12.53 -17.15
CA GLU A 58 28.08 -12.58 -18.08
C GLU A 58 27.11 -11.43 -17.80
N TYR A 59 26.83 -11.22 -16.52
CA TYR A 59 25.93 -10.16 -16.06
C TYR A 59 26.36 -8.81 -16.64
N TRP A 60 27.60 -8.43 -16.37
CA TRP A 60 28.12 -7.10 -16.73
C TRP A 60 28.28 -6.88 -18.21
N GLU A 61 28.48 -7.96 -18.95
CA GLU A 61 28.62 -7.90 -20.39
C GLU A 61 27.25 -7.69 -21.05
N ARG A 62 26.27 -8.45 -20.59
CA ARG A 62 24.91 -8.36 -21.13
C ARG A 62 24.24 -7.05 -20.75
N GLU A 63 24.42 -6.63 -19.50
CA GLU A 63 23.86 -5.36 -19.06
C GLU A 63 24.52 -4.19 -19.76
N THR A 64 25.84 -4.21 -19.86
CA THR A 64 26.58 -3.15 -20.53
C THR A 64 26.16 -3.02 -21.98
N GLN A 65 26.09 -4.16 -22.67
CA GLN A 65 25.65 -4.16 -24.06
C GLN A 65 24.21 -3.66 -24.23
N LYS A 66 23.29 -4.06 -23.35
CA LYS A 66 21.95 -3.49 -23.37
C LYS A 66 21.96 -1.95 -23.24
N ALA A 67 22.79 -1.43 -22.33
CA ALA A 67 22.86 0.02 -22.12
C ALA A 67 23.34 0.77 -23.36
N LYS A 68 24.26 0.14 -24.11
CA LYS A 68 24.73 0.73 -25.37
C LYS A 68 23.60 0.79 -26.38
N GLY A 69 22.80 -0.27 -26.41
CA GLY A 69 21.56 -0.27 -27.19
C GLY A 69 20.60 0.86 -26.80
N GLN A 70 20.43 1.10 -25.50
CA GLN A 70 19.60 2.20 -25.01
C GLN A 70 20.13 3.55 -25.46
N GLU A 71 21.44 3.75 -25.31
CA GLU A 71 22.10 4.98 -25.75
C GLU A 71 21.70 5.34 -27.17
N GLN A 72 21.70 4.34 -28.05
CA GLN A 72 21.31 4.51 -29.44
C GLN A 72 19.81 4.79 -29.56
N TRP A 73 19.00 3.96 -28.92
CA TRP A 73 17.55 4.18 -28.79
C TRP A 73 17.26 5.63 -28.45
N PHE A 74 17.85 6.12 -27.34
CA PHE A 74 17.63 7.49 -26.86
C PHE A 74 18.13 8.50 -27.88
N ARG A 75 19.15 8.12 -28.64
CA ARG A 75 19.77 9.00 -29.61
C ARG A 75 18.79 9.20 -30.77
N VAL A 76 18.28 8.09 -31.32
CA VAL A 76 17.32 8.11 -32.42
C VAL A 76 15.99 8.77 -31.98
N SER A 77 15.54 8.46 -30.76
CA SER A 77 14.29 9.03 -30.25
C SER A 77 14.40 10.53 -30.07
N LEU A 78 15.58 11.00 -29.65
CA LEU A 78 15.87 12.41 -29.47
C LEU A 78 15.79 13.17 -30.81
N ARG A 79 16.25 12.53 -31.89
CA ARG A 79 16.09 13.06 -33.24
C ARG A 79 14.63 13.13 -33.66
N ASN A 80 13.90 12.05 -33.45
CA ASN A 80 12.48 12.00 -33.84
C ASN A 80 11.63 13.09 -33.16
N LEU A 81 11.82 13.25 -31.85
CA LEU A 81 11.11 14.24 -31.04
C LEU A 81 11.34 15.66 -31.52
N LEU A 82 12.57 15.95 -31.92
CA LEU A 82 12.93 17.26 -32.46
C LEU A 82 12.02 17.60 -33.64
N GLY A 83 11.90 16.65 -34.57
CA GLY A 83 11.00 16.78 -35.71
C GLY A 83 9.53 16.84 -35.32
N TYR A 84 9.10 16.00 -34.37
CA TYR A 84 7.70 15.99 -33.91
C TYR A 84 7.27 17.32 -33.32
N TYR A 85 8.21 18.02 -32.70
CA TYR A 85 7.90 19.28 -32.04
C TYR A 85 8.33 20.50 -32.85
N ASN A 86 8.74 20.28 -34.09
CA ASN A 86 9.18 21.35 -34.98
C ASN A 86 10.20 22.25 -34.27
N GLN A 87 11.13 21.59 -33.58
CA GLN A 87 12.19 22.28 -32.87
C GLN A 87 13.32 22.33 -33.86
N SER A 88 14.20 23.30 -33.71
CA SER A 88 15.32 23.37 -34.62
C SER A 88 16.64 23.08 -33.91
N ALA A 89 17.70 22.96 -34.70
CA ALA A 89 19.05 22.78 -34.19
C ALA A 89 19.40 23.99 -33.31
N GLY A 90 20.29 23.79 -32.34
CA GLY A 90 20.73 24.89 -31.49
C GLY A 90 20.26 24.85 -30.05
N GLY A 91 19.41 23.89 -29.70
CA GLY A 91 18.82 23.84 -28.36
C GLY A 91 19.36 22.70 -27.54
N SER A 92 19.07 22.71 -26.25
CA SER A 92 19.30 21.57 -25.37
C SER A 92 18.02 20.81 -25.12
N HIS A 93 18.13 19.48 -25.08
CA HIS A 93 16.97 18.61 -25.00
C HIS A 93 17.21 17.41 -24.09
N THR A 94 16.16 16.99 -23.41
N THR A 94 16.19 17.03 -23.33
CA THR A 94 16.25 15.95 -22.39
CA THR A 94 16.31 15.91 -22.42
C THR A 94 15.20 14.89 -22.64
C THR A 94 15.23 14.89 -22.69
N LEU A 95 15.58 13.63 -22.49
CA LEU A 95 14.63 12.55 -22.59
C LEU A 95 14.88 11.68 -21.39
N GLN A 96 13.80 11.30 -20.71
CA GLN A 96 13.92 10.57 -19.46
C GLN A 96 13.00 9.38 -19.47
N GLN A 97 13.37 8.36 -18.71
CA GLN A 97 12.60 7.12 -18.61
C GLN A 97 12.70 6.62 -17.18
N MET A 98 11.58 6.15 -16.64
CA MET A 98 11.56 5.35 -15.40
C MET A 98 10.86 4.05 -15.70
N SER A 99 11.43 2.95 -15.24
CA SER A 99 10.79 1.65 -15.41
C SER A 99 11.15 0.72 -14.28
N GLY A 100 10.31 -0.26 -14.00
CA GLY A 100 10.58 -1.19 -12.92
C GLY A 100 9.32 -1.82 -12.36
N CYS A 101 9.45 -2.45 -11.21
CA CYS A 101 8.36 -3.22 -10.64
C CYS A 101 8.22 -2.95 -9.15
N ASP A 102 6.97 -2.99 -8.67
CA ASP A 102 6.66 -2.98 -7.23
C ASP A 102 6.19 -4.36 -6.81
N LEU A 103 6.79 -4.87 -5.72
CA LEU A 103 6.34 -6.10 -5.11
C LEU A 103 5.71 -5.81 -3.77
N GLY A 104 4.68 -6.61 -3.42
CA GLY A 104 4.09 -6.60 -2.07
C GLY A 104 5.01 -7.32 -1.10
N SER A 105 4.61 -7.39 0.17
CA SER A 105 5.40 -8.14 1.16
C SER A 105 5.42 -9.65 0.88
N ASP A 106 4.47 -10.13 0.10
CA ASP A 106 4.46 -11.52 -0.33
C ASP A 106 5.42 -11.77 -1.50
N TRP A 107 6.03 -10.69 -1.97
CA TRP A 107 7.01 -10.71 -3.09
C TRP A 107 6.37 -10.87 -4.49
N ARG A 108 5.04 -10.83 -4.53
CA ARG A 108 4.26 -10.84 -5.78
C ARG A 108 4.23 -9.47 -6.44
N LEU A 109 4.14 -9.46 -7.77
CA LEU A 109 4.04 -8.21 -8.52
C LEU A 109 2.81 -7.38 -8.15
N LEU A 110 3.02 -6.16 -7.70
CA LEU A 110 1.91 -5.27 -7.39
C LEU A 110 1.62 -4.36 -8.59
N ARG A 111 2.68 -3.92 -9.25
CA ARG A 111 2.58 -2.88 -10.27
C ARG A 111 3.88 -2.80 -11.10
N GLY A 112 3.73 -2.83 -12.42
CA GLY A 112 4.81 -2.47 -13.32
C GLY A 112 4.79 -0.98 -13.62
N TYR A 113 5.95 -0.41 -13.98
CA TYR A 113 6.07 1.02 -14.35
C TYR A 113 6.88 1.17 -15.61
N LEU A 114 6.43 2.09 -16.46
CA LEU A 114 7.10 2.41 -17.70
C LEU A 114 6.61 3.77 -18.15
N GLN A 115 7.45 4.78 -17.92
CA GLN A 115 7.07 6.15 -18.28
C GLN A 115 8.24 6.91 -18.83
N PHE A 116 7.92 7.85 -19.72
CA PHE A 116 8.91 8.66 -20.39
C PHE A 116 8.54 10.14 -20.28
N ALA A 117 9.56 10.99 -20.28
CA ALA A 117 9.38 12.44 -20.28
C ALA A 117 10.33 13.09 -21.26
N TYR A 118 9.84 14.14 -21.91
CA TYR A 118 10.61 14.92 -22.84
C TYR A 118 10.62 16.35 -22.33
N GLU A 119 11.81 16.90 -22.16
CA GLU A 119 12.02 18.23 -21.59
C GLU A 119 11.43 18.26 -20.18
N GLY A 120 11.55 17.16 -19.46
CA GLY A 120 11.09 17.11 -18.09
C GLY A 120 9.58 17.07 -17.93
N ARG A 121 8.86 16.83 -19.02
CA ARG A 121 7.40 16.79 -18.98
C ARG A 121 6.89 15.47 -19.53
N ASP A 122 5.80 14.98 -18.95
CA ASP A 122 5.19 13.70 -19.31
C ASP A 122 5.05 13.60 -20.80
N TYR A 123 5.55 12.53 -21.38
CA TYR A 123 5.43 12.32 -22.82
C TYR A 123 4.51 11.14 -23.15
N ILE A 124 4.83 9.96 -22.62
CA ILE A 124 4.05 8.76 -22.84
C ILE A 124 4.39 7.81 -21.72
N ALA A 125 3.38 7.12 -21.23
CA ALA A 125 3.50 6.20 -20.11
C ALA A 125 2.63 4.98 -20.38
N LEU A 126 3.10 3.82 -19.94
CA LEU A 126 2.31 2.62 -20.03
C LEU A 126 1.36 2.62 -18.83
N ASN A 127 0.08 2.40 -19.10
CA ASN A 127 -0.91 2.34 -18.03
C ASN A 127 -0.75 1.11 -17.14
N GLU A 128 -1.30 1.18 -15.93
CA GLU A 128 -1.21 0.11 -14.93
C GLU A 128 -1.68 -1.26 -15.44
N ASP A 129 -2.57 -1.26 -16.44
CA ASP A 129 -3.02 -2.49 -17.08
C ASP A 129 -1.91 -3.18 -17.92
N LEU A 130 -0.83 -2.45 -18.18
CA LEU A 130 0.27 -2.92 -19.02
C LEU A 130 -0.14 -3.27 -20.46
N LYS A 131 -1.26 -2.70 -20.92
CA LYS A 131 -1.74 -2.93 -22.28
C LYS A 131 -1.91 -1.63 -23.06
N THR A 132 -2.44 -0.60 -22.39
CA THR A 132 -2.72 0.66 -23.05
C THR A 132 -1.77 1.77 -22.63
N TRP A 133 -1.66 2.76 -23.50
CA TRP A 133 -0.77 3.89 -23.30
C TRP A 133 -1.54 5.16 -23.03
N THR A 134 -0.99 6.02 -22.16
CA THR A 134 -1.42 7.41 -22.08
C THR A 134 -0.36 8.37 -22.61
N ALA A 135 -0.82 9.31 -23.45
CA ALA A 135 0.05 10.25 -24.15
C ALA A 135 -0.70 11.55 -24.34
N ALA A 136 -0.48 12.52 -23.46
CA ALA A 136 -1.25 13.77 -23.53
C ALA A 136 -1.10 14.52 -24.86
N ASP A 137 0.16 14.79 -25.26
CA ASP A 137 0.48 15.76 -26.29
C ASP A 137 0.07 15.31 -27.68
N MET A 138 -0.22 16.26 -28.56
CA MET A 138 -0.48 15.92 -29.94
C MET A 138 0.74 15.26 -30.59
N ALA A 139 1.93 15.82 -30.34
CA ALA A 139 3.17 15.23 -30.86
C ALA A 139 3.33 13.79 -30.39
N ALA A 140 2.85 13.51 -29.17
CA ALA A 140 3.00 12.19 -28.57
C ALA A 140 2.20 11.10 -29.28
N GLN A 141 1.24 11.51 -30.14
CA GLN A 141 0.32 10.57 -30.77
C GLN A 141 1.00 9.79 -31.90
N ILE A 142 2.01 10.41 -32.49
CA ILE A 142 2.83 9.75 -33.51
C ILE A 142 3.51 8.51 -32.88
N THR A 143 4.00 8.68 -31.65
CA THR A 143 4.61 7.60 -30.92
C THR A 143 3.58 6.58 -30.42
N ARG A 144 2.48 7.06 -29.84
CA ARG A 144 1.45 6.17 -29.33
C ARG A 144 0.95 5.23 -30.42
N ARG A 145 0.72 5.78 -31.62
CA ARG A 145 0.18 5.00 -32.75
C ARG A 145 1.24 4.07 -33.27
N LYS A 146 2.47 4.55 -33.30
CA LYS A 146 3.60 3.73 -33.72
C LYS A 146 3.71 2.50 -32.80
N TRP A 147 3.61 2.74 -31.50
CA TRP A 147 3.81 1.72 -30.48
C TRP A 147 2.61 0.78 -30.33
N GLU A 148 1.41 1.27 -30.66
CA GLU A 148 0.23 0.39 -30.73
C GLU A 148 0.33 -0.58 -31.94
N GLN A 149 0.68 -0.03 -33.10
CA GLN A 149 0.88 -0.82 -34.31
C GLN A 149 2.00 -1.87 -34.18
N SER A 150 2.95 -1.65 -33.27
CA SER A 150 4.12 -2.52 -33.19
C SER A 150 4.00 -3.56 -32.09
N GLY A 151 3.00 -3.40 -31.22
CA GLY A 151 2.78 -4.30 -30.09
C GLY A 151 3.81 -4.19 -28.96
N ALA A 152 4.41 -3.01 -28.81
CA ALA A 152 5.46 -2.78 -27.80
C ALA A 152 4.99 -3.07 -26.38
N ALA A 153 3.73 -2.75 -26.10
CA ALA A 153 3.14 -2.95 -24.78
C ALA A 153 3.28 -4.38 -24.27
N GLU A 154 3.02 -5.34 -25.16
CA GLU A 154 3.11 -6.76 -24.81
C GLU A 154 4.55 -7.09 -24.39
N HIS A 155 5.51 -6.56 -25.14
CA HIS A 155 6.91 -6.78 -24.81
C HIS A 155 7.35 -6.10 -23.50
N TYR A 156 6.91 -4.87 -23.26
CA TYR A 156 7.17 -4.24 -21.96
C TYR A 156 6.49 -4.97 -20.80
N LYS A 157 5.28 -5.48 -21.04
CA LYS A 157 4.54 -6.30 -20.06
C LYS A 157 5.32 -7.56 -19.69
N ALA A 158 5.84 -8.25 -20.70
CA ALA A 158 6.63 -9.49 -20.49
C ALA A 158 7.87 -9.23 -19.62
N TYR A 159 8.62 -8.18 -19.96
CA TYR A 159 9.74 -7.77 -19.12
C TYR A 159 9.30 -7.42 -17.70
N LEU A 160 8.22 -6.65 -17.57
CA LEU A 160 7.80 -6.17 -16.25
C LEU A 160 7.36 -7.29 -15.30
N GLU A 161 6.59 -8.23 -15.84
CA GLU A 161 6.11 -9.39 -15.08
C GLU A 161 7.13 -10.50 -14.94
N GLY A 162 8.04 -10.62 -15.90
CA GLY A 162 9.06 -11.67 -15.90
C GLY A 162 10.39 -11.21 -15.34
N GLU A 163 11.28 -10.78 -16.24
CA GLU A 163 12.65 -10.42 -15.90
C GLU A 163 12.79 -9.48 -14.69
N CYS A 164 11.94 -8.45 -14.60
CA CYS A 164 12.01 -7.44 -13.53
C CYS A 164 11.75 -8.08 -12.18
N VAL A 165 10.64 -8.80 -12.08
CA VAL A 165 10.30 -9.56 -10.87
C VAL A 165 11.38 -10.59 -10.56
N GLU A 166 11.80 -11.32 -11.59
CA GLU A 166 12.73 -12.42 -11.42
C GLU A 166 14.08 -11.97 -10.87
N TRP A 167 14.65 -10.90 -11.42
CA TRP A 167 15.96 -10.45 -10.97
C TRP A 167 15.92 -9.68 -9.66
N LEU A 168 14.80 -9.02 -9.38
CA LEU A 168 14.59 -8.39 -8.08
C LEU A 168 14.55 -9.43 -6.97
N HIS A 169 13.83 -10.53 -7.19
CA HIS A 169 13.88 -11.69 -6.30
C HIS A 169 15.33 -12.09 -5.99
N ARG A 170 16.11 -12.28 -7.05
CA ARG A 170 17.51 -12.62 -6.92
C ARG A 170 18.29 -11.57 -6.14
N TYR A 171 18.16 -10.29 -6.52
CA TYR A 171 18.88 -9.21 -5.83
C TYR A 171 18.56 -9.16 -4.34
N LEU A 172 17.29 -9.39 -4.01
CA LEU A 172 16.81 -9.29 -2.62
C LEU A 172 17.39 -10.35 -1.69
N LYS A 173 17.62 -11.55 -2.22
CA LYS A 173 18.35 -12.58 -1.50
C LYS A 173 19.80 -12.16 -1.28
N ASN A 174 20.45 -11.67 -2.35
CA ASN A 174 21.85 -11.24 -2.29
C ASN A 174 22.09 -10.02 -1.40
N GLY A 175 21.04 -9.23 -1.17
CA GLY A 175 21.20 -7.94 -0.55
C GLY A 175 20.95 -7.94 0.95
N ASN A 176 20.79 -9.14 1.51
CA ASN A 176 20.39 -9.32 2.89
C ASN A 176 21.57 -9.23 3.89
N ARG A 181 16.41 -2.48 6.77
CA ARG A 181 16.35 -1.85 8.10
C ARG A 181 15.98 -0.36 8.02
N THR A 182 15.03 0.04 8.87
CA THR A 182 14.61 1.43 8.99
C THR A 182 15.30 2.06 10.18
N ASP A 183 16.02 3.16 9.96
CA ASP A 183 16.57 3.94 11.07
C ASP A 183 15.51 4.93 11.57
N SER A 184 15.27 4.90 12.88
CA SER A 184 14.27 5.76 13.50
C SER A 184 14.76 7.20 13.68
N PRO A 185 13.83 8.17 13.66
CA PRO A 185 14.19 9.55 13.93
C PRO A 185 14.41 9.81 15.42
N LYS A 186 15.51 10.50 15.72
CA LYS A 186 15.73 11.11 17.03
C LYS A 186 15.21 12.53 16.95
N ALA A 187 14.25 12.88 17.82
CA ALA A 187 13.64 14.20 17.76
C ALA A 187 13.97 15.05 18.97
N HIS A 188 13.96 16.37 18.76
CA HIS A 188 14.14 17.35 19.83
C HIS A 188 13.66 18.71 19.36
N VAL A 189 13.29 19.57 20.32
CA VAL A 189 12.83 20.93 20.03
C VAL A 189 13.90 21.97 20.41
N THR A 190 14.03 22.99 19.57
CA THR A 190 14.86 24.16 19.87
C THR A 190 14.01 25.43 20.02
N HIS A 191 14.62 26.46 20.60
CA HIS A 191 13.94 27.69 21.00
C HIS A 191 14.71 28.91 20.45
N HIS A 192 14.01 29.75 19.71
CA HIS A 192 14.63 30.89 19.00
C HIS A 192 13.82 32.18 19.15
N PRO A 193 14.51 33.31 19.40
CA PRO A 193 13.83 34.55 19.80
C PRO A 193 13.15 35.33 18.66
N ARG A 194 12.14 34.73 18.04
CA ARG A 194 11.32 35.39 17.01
C ARG A 194 10.77 36.74 17.48
N GLU A 198 6.82 36.54 21.83
CA GLU A 198 6.84 35.78 20.58
C GLU A 198 8.19 35.10 20.29
N VAL A 199 8.16 33.77 20.30
CA VAL A 199 9.36 32.94 20.06
C VAL A 199 9.09 31.83 19.04
N THR A 200 10.16 31.23 18.53
CA THR A 200 10.05 30.13 17.55
C THR A 200 10.37 28.78 18.19
N LEU A 201 9.45 27.83 18.03
CA LEU A 201 9.73 26.47 18.45
C LEU A 201 10.03 25.64 17.20
N ARG A 202 11.22 25.04 17.19
CA ARG A 202 11.69 24.26 16.05
C ARG A 202 11.85 22.78 16.40
N CYS A 203 10.94 21.95 15.89
CA CYS A 203 11.02 20.50 16.10
C CYS A 203 11.93 19.88 15.06
N TRP A 204 13.07 19.37 15.49
CA TRP A 204 14.00 18.72 14.58
C TRP A 204 13.74 17.23 14.55
N ALA A 205 13.97 16.62 13.38
CA ALA A 205 14.01 15.17 13.22
C ALA A 205 15.31 14.82 12.49
N LEU A 206 16.07 13.87 13.03
CA LEU A 206 17.39 13.53 12.49
C LEU A 206 17.68 12.02 12.53
N GLY A 207 18.67 11.61 11.73
CA GLY A 207 19.15 10.21 11.69
C GLY A 207 18.20 9.15 11.16
N PHE A 208 17.17 9.56 10.43
CA PHE A 208 16.14 8.62 9.97
C PHE A 208 16.27 8.14 8.52
N TYR A 209 15.72 6.96 8.27
CA TYR A 209 15.63 6.37 6.94
C TYR A 209 14.48 5.36 6.90
N PRO A 210 13.66 5.37 5.84
CA PRO A 210 13.64 6.23 4.63
C PRO A 210 13.25 7.70 4.87
N ALA A 211 13.32 8.51 3.81
CA ALA A 211 13.12 9.96 3.92
C ALA A 211 11.71 10.36 4.36
N ASP A 212 10.73 9.56 3.96
CA ASP A 212 9.32 9.81 4.25
C ASP A 212 9.08 10.03 5.73
N ILE A 213 8.44 11.14 6.07
CA ILE A 213 8.23 11.52 7.45
C ILE A 213 7.20 12.66 7.53
N THR A 214 6.50 12.75 8.67
CA THR A 214 5.61 13.88 8.91
C THR A 214 5.90 14.48 10.29
N LEU A 215 5.86 15.81 10.36
CA LEU A 215 5.96 16.52 11.63
C LEU A 215 4.78 17.47 11.79
N THR A 216 4.18 17.45 12.98
CA THR A 216 3.01 18.27 13.29
C THR A 216 3.23 19.11 14.54
N TRP A 217 2.40 20.13 14.73
CA TRP A 217 2.46 20.98 15.90
C TRP A 217 1.05 21.18 16.46
N GLN A 218 0.92 21.11 17.79
CA GLN A 218 -0.38 21.29 18.46
C GLN A 218 -0.36 22.38 19.51
N GLY A 221 -3.64 19.49 21.14
CA GLY A 221 -4.96 20.08 20.99
C GLY A 221 -5.42 20.10 19.54
N GLU A 222 -5.32 21.28 18.91
CA GLU A 222 -5.75 21.48 17.52
C GLU A 222 -4.57 21.34 16.55
N GLU A 223 -4.87 20.90 15.33
CA GLU A 223 -3.87 20.81 14.26
C GLU A 223 -3.45 22.20 13.76
N MET A 228 2.46 27.32 10.51
CA MET A 228 3.56 26.37 10.62
C MET A 228 4.49 26.47 9.41
N GLU A 229 5.78 26.58 9.68
N GLU A 229 5.79 26.59 9.67
CA GLU A 229 6.81 26.58 8.64
CA GLU A 229 6.78 26.56 8.60
C GLU A 229 7.58 25.26 8.69
C GLU A 229 7.61 25.29 8.70
N LEU A 230 8.06 24.81 7.55
CA LEU A 230 8.83 23.57 7.45
C LEU A 230 9.96 23.70 6.43
N VAL A 231 10.75 22.65 6.29
CA VAL A 231 11.70 22.57 5.19
C VAL A 231 11.48 21.23 4.50
N GLU A 232 11.92 21.13 3.25
CA GLU A 232 11.88 19.86 2.55
C GLU A 232 12.93 18.91 3.17
N THR A 233 12.57 17.63 3.25
CA THR A 233 13.45 16.58 3.71
C THR A 233 14.74 16.62 2.92
N ARG A 234 15.86 16.53 3.62
CA ARG A 234 17.19 16.74 3.05
C ARG A 234 18.12 15.63 3.51
N PRO A 235 19.08 15.23 2.64
CA PRO A 235 20.03 14.20 3.04
C PRO A 235 21.10 14.77 3.95
N ALA A 236 21.40 14.06 5.03
CA ALA A 236 22.48 14.44 5.93
C ALA A 236 23.81 14.33 5.20
N GLY A 237 23.84 13.49 4.18
CA GLY A 237 25.07 13.12 3.49
C GLY A 237 25.62 11.75 3.89
N ASP A 238 25.07 11.17 4.95
CA ASP A 238 25.54 9.89 5.52
C ASP A 238 24.52 8.76 5.32
N GLY A 239 23.67 8.92 4.30
CA GLY A 239 22.60 7.98 4.03
C GLY A 239 21.33 8.33 4.76
N THR A 240 21.42 9.09 5.86
CA THR A 240 20.19 9.42 6.60
C THR A 240 19.65 10.79 6.23
N PHE A 241 18.46 11.10 6.76
CA PHE A 241 17.74 12.30 6.38
C PHE A 241 17.45 13.22 7.57
N GLN A 242 17.25 14.51 7.27
CA GLN A 242 16.88 15.52 8.25
C GLN A 242 15.60 16.25 7.85
N LYS A 243 14.91 16.80 8.83
CA LYS A 243 13.79 17.71 8.61
C LYS A 243 13.53 18.46 9.90
N TRP A 244 12.95 19.66 9.78
CA TRP A 244 12.41 20.37 10.92
C TRP A 244 11.08 21.04 10.61
N ALA A 245 10.39 21.49 11.66
CA ALA A 245 9.13 22.23 11.51
C ALA A 245 9.01 23.22 12.66
N SER A 246 8.53 24.43 12.36
CA SER A 246 8.48 25.47 13.38
C SER A 246 7.16 26.23 13.43
N VAL A 247 6.89 26.80 14.60
CA VAL A 247 5.71 27.64 14.82
C VAL A 247 6.09 28.84 15.68
N VAL A 248 5.35 29.93 15.50
CA VAL A 248 5.55 31.12 16.32
C VAL A 248 4.58 31.08 17.50
N VAL A 249 5.14 31.29 18.69
CA VAL A 249 4.47 31.00 19.96
C VAL A 249 4.71 32.12 20.98
N PRO A 250 3.64 32.62 21.63
CA PRO A 250 3.79 33.55 22.76
C PRO A 250 4.69 33.03 23.88
N LEU A 251 5.45 33.93 24.50
CA LEU A 251 6.36 33.60 25.60
C LEU A 251 5.67 32.95 26.79
N GLY A 252 6.41 32.10 27.51
CA GLY A 252 5.86 31.34 28.64
C GLY A 252 4.88 30.25 28.21
N LYS A 253 4.17 30.49 27.11
CA LYS A 253 3.19 29.55 26.57
C LYS A 253 3.87 28.47 25.72
N GLU A 254 5.02 28.00 26.21
CA GLU A 254 5.82 27.00 25.51
C GLU A 254 5.23 25.60 25.65
N GLN A 255 4.91 25.21 26.88
CA GLN A 255 4.42 23.86 27.20
C GLN A 255 3.03 23.54 26.62
N ASN A 256 2.31 24.58 26.19
CA ASN A 256 1.00 24.41 25.56
C ASN A 256 1.05 23.88 24.13
N TYR A 257 2.27 23.61 23.66
CA TYR A 257 2.51 23.22 22.27
C TYR A 257 3.36 21.94 22.21
N THR A 258 2.88 20.95 21.46
CA THR A 258 3.63 19.69 21.31
C THR A 258 3.82 19.33 19.83
N CYS A 259 4.98 18.73 19.54
CA CYS A 259 5.33 18.27 18.21
C CYS A 259 5.20 16.76 18.12
N ARG A 260 4.59 16.28 17.05
CA ARG A 260 4.50 14.85 16.80
C ARG A 260 5.30 14.51 15.56
N VAL A 261 6.09 13.44 15.65
CA VAL A 261 6.85 12.92 14.53
C VAL A 261 6.27 11.55 14.13
N TYR A 262 5.97 11.40 12.84
CA TYR A 262 5.45 10.14 12.31
C TYR A 262 6.41 9.53 11.31
N HIS A 263 6.91 8.33 11.61
CA HIS A 263 7.85 7.63 10.74
C HIS A 263 7.67 6.12 10.86
N GLU A 264 7.84 5.42 9.74
CA GLU A 264 7.59 3.97 9.68
C GLU A 264 8.46 3.12 10.60
N GLY A 265 9.60 3.66 11.03
CA GLY A 265 10.53 2.95 11.90
C GLY A 265 10.20 3.07 13.38
N LEU A 266 9.20 3.89 13.68
CA LEU A 266 8.73 4.08 15.04
C LEU A 266 7.74 3.00 15.43
N PRO A 267 7.82 2.52 16.69
CA PRO A 267 6.76 1.67 17.24
C PRO A 267 5.44 2.44 17.33
N GLU A 268 5.54 3.72 17.67
CA GLU A 268 4.42 4.64 17.64
C GLU A 268 4.95 6.07 17.46
N PRO A 269 4.07 7.03 17.10
CA PRO A 269 4.54 8.41 16.88
C PRO A 269 5.20 9.03 18.11
N LEU A 270 6.30 9.73 17.89
CA LEU A 270 6.99 10.45 18.97
C LEU A 270 6.23 11.72 19.34
N THR A 271 6.16 12.01 20.64
CA THR A 271 5.54 13.24 21.12
C THR A 271 6.57 14.04 21.92
N LEU A 272 6.72 15.32 21.56
CA LEU A 272 7.70 16.21 22.19
C LEU A 272 7.21 17.63 22.39
N ARG A 273 7.75 18.27 23.42
CA ARG A 273 7.51 19.67 23.70
C ARG A 273 8.85 20.34 24.04
N TRP A 274 8.83 21.67 24.15
CA TRP A 274 10.03 22.41 24.54
C TRP A 274 10.40 22.13 26.00
N GLU A 275 11.58 21.57 26.19
CA GLU A 275 12.11 21.28 27.52
C GLU A 275 13.60 21.60 27.61
N ILE B 1 10.76 23.48 -20.73
CA ILE B 1 10.68 24.70 -19.86
C ILE B 1 11.43 24.52 -18.54
N GLN B 2 12.14 25.57 -18.15
CA GLN B 2 12.97 25.55 -16.95
C GLN B 2 12.18 25.54 -15.65
N LYS B 3 12.73 24.84 -14.65
CA LYS B 3 12.20 24.87 -13.29
C LYS B 3 13.32 25.44 -12.43
N THR B 4 13.02 26.42 -11.58
CA THR B 4 14.07 27.07 -10.82
C THR B 4 14.51 26.25 -9.60
N PRO B 5 15.83 26.13 -9.39
CA PRO B 5 16.40 25.36 -8.28
C PRO B 5 15.95 25.83 -6.91
N GLN B 6 15.53 24.87 -6.08
CA GLN B 6 15.36 25.10 -4.65
C GLN B 6 16.69 24.76 -3.95
N ILE B 7 17.13 25.66 -3.06
CA ILE B 7 18.43 25.49 -2.41
C ILE B 7 18.32 25.48 -0.89
N GLN B 8 18.98 24.48 -0.26
CA GLN B 8 19.17 24.48 1.20
C GLN B 8 20.65 24.34 1.54
N VAL B 9 21.09 25.10 2.54
CA VAL B 9 22.47 25.05 3.01
C VAL B 9 22.40 24.73 4.49
N TYR B 10 23.15 23.71 4.90
CA TYR B 10 23.03 23.15 6.26
C TYR B 10 24.21 22.25 6.55
N SER B 11 24.38 21.86 7.81
CA SER B 11 25.51 21.01 8.19
C SER B 11 25.02 19.60 8.46
N ARG B 12 25.93 18.63 8.30
CA ARG B 12 25.60 17.23 8.56
C ARG B 12 25.30 16.96 10.04
N HIS B 13 26.10 17.53 10.93
CA HIS B 13 25.94 17.29 12.37
C HIS B 13 25.63 18.59 13.06
N PRO B 14 24.82 18.55 14.14
CA PRO B 14 24.45 19.79 14.82
C PRO B 14 25.67 20.67 15.03
N PRO B 15 25.52 21.99 14.81
CA PRO B 15 26.68 22.88 14.67
C PRO B 15 27.42 23.16 16.00
N GLU B 16 28.75 23.12 15.96
CA GLU B 16 29.63 23.41 17.11
C GLU B 16 30.95 24.06 16.66
N ASN B 17 31.21 25.28 17.13
CA ASN B 17 32.39 26.05 16.73
C ASN B 17 33.73 25.36 17.03
N GLY B 18 34.65 25.41 16.06
CA GLY B 18 35.95 24.74 16.15
C GLY B 18 35.97 23.24 15.78
N LYS B 19 34.83 22.57 15.89
CA LYS B 19 34.72 21.11 15.68
C LYS B 19 34.33 20.75 14.25
N PRO B 20 35.08 19.84 13.62
CA PRO B 20 34.83 19.48 12.21
C PRO B 20 33.41 19.00 11.94
N ASN B 21 32.96 19.26 10.71
CA ASN B 21 31.59 19.01 10.29
C ASN B 21 31.60 19.03 8.77
N ILE B 22 30.44 18.83 8.16
CA ILE B 22 30.32 18.90 6.71
C ILE B 22 29.22 19.88 6.36
N LEU B 23 29.51 20.77 5.42
CA LEU B 23 28.51 21.72 4.95
C LEU B 23 27.89 21.21 3.67
N ASN B 24 26.58 21.09 3.67
CA ASN B 24 25.82 20.66 2.49
C ASN B 24 25.13 21.79 1.77
N CYS B 25 25.17 21.70 0.44
CA CYS B 25 24.34 22.52 -0.40
C CYS B 25 23.50 21.59 -1.29
N TYR B 26 22.22 21.52 -0.97
CA TYR B 26 21.26 20.62 -1.57
C TYR B 26 20.38 21.39 -2.52
N VAL B 27 20.50 21.06 -3.80
CA VAL B 27 19.83 21.77 -4.87
C VAL B 27 18.87 20.80 -5.55
N THR B 28 17.58 21.13 -5.51
CA THR B 28 16.54 20.25 -6.03
C THR B 28 15.59 20.92 -7.00
N GLN B 29 14.79 20.14 -7.69
CA GLN B 29 13.65 20.66 -8.40
C GLN B 29 13.99 21.55 -9.61
N PHE B 30 15.06 21.24 -10.32
CA PHE B 30 15.49 22.10 -11.41
C PHE B 30 15.54 21.40 -12.77
N HIS B 31 15.47 22.19 -13.83
CA HIS B 31 15.54 21.68 -15.19
C HIS B 31 15.85 22.85 -16.07
N PRO B 32 16.76 22.71 -17.03
CA PRO B 32 17.42 21.44 -17.34
C PRO B 32 18.60 21.12 -16.42
N PRO B 33 19.20 19.96 -16.63
CA PRO B 33 20.17 19.40 -15.69
C PRO B 33 21.53 20.08 -15.60
N HIS B 34 21.91 20.89 -16.57
CA HIS B 34 23.13 21.67 -16.45
C HIS B 34 23.02 22.68 -15.31
N ILE B 35 23.95 22.64 -14.36
CA ILE B 35 23.93 23.57 -13.25
C ILE B 35 25.37 23.80 -12.73
N GLU B 36 25.61 24.99 -12.18
CA GLU B 36 26.90 25.30 -11.56
C GLU B 36 26.65 25.67 -10.13
N ILE B 37 27.34 24.99 -9.24
CA ILE B 37 27.16 25.19 -7.82
C ILE B 37 28.52 25.53 -7.23
N GLN B 38 28.59 26.65 -6.54
CA GLN B 38 29.77 27.01 -5.77
C GLN B 38 29.44 27.15 -4.30
N MET B 39 30.39 26.77 -3.46
CA MET B 39 30.31 26.98 -2.03
C MET B 39 31.35 28.03 -1.67
N LEU B 40 31.02 28.89 -0.71
CA LEU B 40 31.83 30.08 -0.43
C LEU B 40 32.12 30.22 1.07
N LYS B 41 33.34 30.63 1.38
CA LYS B 41 33.76 30.89 2.74
C LYS B 41 34.23 32.29 2.97
N ASN B 42 33.49 33.06 3.75
CA ASN B 42 33.69 34.51 3.84
C ASN B 42 33.90 35.15 2.47
N GLY B 43 33.06 34.76 1.51
CA GLY B 43 33.15 35.30 0.14
C GLY B 43 34.11 34.56 -0.76
N LYS B 44 34.93 33.67 -0.20
CA LYS B 44 35.97 32.99 -0.97
C LYS B 44 35.60 31.53 -1.30
N LYS B 45 35.77 31.14 -2.57
CA LYS B 45 35.51 29.76 -3.05
C LYS B 45 36.20 28.73 -2.19
N ILE B 46 35.47 27.67 -1.85
CA ILE B 46 36.01 26.53 -1.13
C ILE B 46 36.54 25.54 -2.17
N PRO B 47 37.80 25.07 -1.98
CA PRO B 47 38.54 24.36 -3.04
C PRO B 47 38.04 22.95 -3.41
N LYS B 48 37.82 22.09 -2.42
CA LYS B 48 37.59 20.67 -2.72
C LYS B 48 36.13 20.26 -2.52
N VAL B 49 35.24 20.90 -3.29
CA VAL B 49 33.79 20.72 -3.09
C VAL B 49 33.31 19.46 -3.78
N GLU B 50 32.85 18.51 -2.97
CA GLU B 50 32.38 17.22 -3.46
C GLU B 50 30.95 17.32 -4.02
N MET B 51 30.77 16.73 -5.20
CA MET B 51 29.52 16.80 -5.93
C MET B 51 28.96 15.39 -6.11
N SER B 52 27.75 15.14 -5.59
CA SER B 52 27.07 13.87 -5.81
C SER B 52 26.72 13.70 -7.29
N ASP B 53 26.48 12.46 -7.70
CA ASP B 53 25.98 12.21 -9.05
C ASP B 53 24.59 12.83 -9.14
N MET B 54 24.30 13.50 -10.24
CA MET B 54 22.98 14.06 -10.42
C MET B 54 21.96 12.94 -10.61
N SER B 55 20.79 13.14 -10.02
CA SER B 55 19.72 12.18 -10.08
C SER B 55 18.46 12.93 -10.44
N PHE B 56 17.37 12.22 -10.68
CA PHE B 56 16.11 12.93 -10.81
C PHE B 56 15.01 12.31 -10.00
N SER B 57 14.00 13.13 -9.66
CA SER B 57 12.88 12.65 -8.87
C SER B 57 11.79 12.08 -9.76
N LYS B 58 10.78 11.49 -9.10
CA LYS B 58 9.61 10.93 -9.75
C LYS B 58 8.78 11.95 -10.53
N ASP B 59 8.97 13.24 -10.23
CA ASP B 59 8.34 14.31 -11.00
C ASP B 59 9.19 14.79 -12.18
N TRP B 60 10.30 14.07 -12.41
CA TRP B 60 11.25 14.33 -13.51
C TRP B 60 12.21 15.50 -13.31
N SER B 61 12.11 16.18 -12.18
CA SER B 61 13.03 17.27 -11.87
C SER B 61 14.36 16.73 -11.33
N PHE B 62 15.45 17.44 -11.58
CA PHE B 62 16.78 17.00 -11.16
C PHE B 62 17.17 17.51 -9.77
N TYR B 63 18.01 16.74 -9.09
CA TYR B 63 18.54 17.16 -7.80
C TYR B 63 20.00 16.78 -7.68
N ILE B 64 20.69 17.37 -6.71
CA ILE B 64 22.11 17.16 -6.55
C ILE B 64 22.59 17.70 -5.20
N LEU B 65 23.56 17.01 -4.61
CA LEU B 65 24.10 17.43 -3.34
C LEU B 65 25.57 17.81 -3.49
N ALA B 66 25.89 19.06 -3.18
CA ALA B 66 27.26 19.50 -3.02
C ALA B 66 27.57 19.49 -1.53
N HIS B 67 28.75 19.01 -1.17
CA HIS B 67 29.21 19.08 0.22
C HIS B 67 30.70 19.38 0.32
N THR B 68 31.12 19.79 1.52
CA THR B 68 32.53 20.09 1.76
C THR B 68 32.87 20.03 3.24
N GLU B 69 34.12 19.67 3.52
CA GLU B 69 34.64 19.75 4.87
C GLU B 69 34.65 21.22 5.27
N PHE B 70 34.15 21.51 6.46
CA PHE B 70 34.24 22.86 6.97
C PHE B 70 34.29 22.84 8.50
N THR B 71 34.87 23.90 9.04
CA THR B 71 34.95 24.13 10.49
C THR B 71 34.30 25.50 10.73
N PRO B 72 33.19 25.52 11.49
CA PRO B 72 32.37 26.72 11.67
C PRO B 72 32.69 27.67 12.85
N THR B 73 33.55 28.66 12.61
CA THR B 73 33.81 29.70 13.63
C THR B 73 32.58 30.59 13.84
N GLU B 74 32.60 31.36 14.93
CA GLU B 74 31.53 32.30 15.28
C GLU B 74 31.45 33.46 14.27
N THR B 75 32.49 33.59 13.45
CA THR B 75 32.71 34.78 12.65
C THR B 75 32.65 34.53 11.13
N ASP B 76 32.73 33.27 10.74
CA ASP B 76 32.80 32.92 9.33
C ASP B 76 31.43 32.80 8.71
N THR B 77 31.31 33.27 7.47
N THR B 77 31.32 33.25 7.47
CA THR B 77 30.05 33.17 6.75
CA THR B 77 30.06 33.18 6.74
C THR B 77 30.20 32.18 5.60
C THR B 77 30.18 32.19 5.59
N TYR B 78 29.25 31.25 5.53
CA TYR B 78 29.23 30.25 4.49
C TYR B 78 28.01 30.45 3.59
N ALA B 79 28.24 30.36 2.30
CA ALA B 79 27.17 30.50 1.33
C ALA B 79 27.27 29.46 0.25
N CYS B 80 26.15 29.24 -0.43
CA CYS B 80 26.14 28.47 -1.65
C CYS B 80 25.60 29.35 -2.78
N ARG B 81 26.34 29.42 -3.89
CA ARG B 81 25.93 30.20 -5.05
C ARG B 81 25.63 29.27 -6.23
N VAL B 82 24.40 29.35 -6.73
CA VAL B 82 23.95 28.48 -7.80
C VAL B 82 23.68 29.32 -9.04
N LYS B 83 24.20 28.85 -10.17
CA LYS B 83 23.94 29.45 -11.46
C LYS B 83 23.22 28.42 -12.33
N HIS B 84 22.13 28.85 -12.96
CA HIS B 84 21.26 27.96 -13.71
C HIS B 84 20.44 28.78 -14.70
N ASP B 85 20.08 28.15 -15.84
CA ASP B 85 19.36 28.83 -16.94
C ASP B 85 18.07 29.51 -16.54
N SER B 86 17.42 28.99 -15.50
CA SER B 86 16.14 29.51 -15.02
C SER B 86 16.26 30.84 -14.30
N MET B 87 17.48 31.23 -13.94
CA MET B 87 17.69 32.45 -13.15
C MET B 87 18.65 33.39 -13.88
N ALA B 88 18.21 34.62 -14.10
CA ALA B 88 19.00 35.62 -14.83
C ALA B 88 20.34 35.90 -14.13
N GLU B 89 20.27 35.99 -12.79
CA GLU B 89 21.47 36.14 -11.96
C GLU B 89 21.74 34.90 -11.10
N PRO B 90 23.00 34.62 -10.76
CA PRO B 90 23.24 33.54 -9.80
C PRO B 90 22.48 33.76 -8.47
N LYS B 91 22.05 32.67 -7.84
CA LYS B 91 21.30 32.74 -6.59
C LYS B 91 22.22 32.37 -5.43
N THR B 92 22.25 33.21 -4.40
CA THR B 92 23.11 32.95 -3.26
C THR B 92 22.26 32.70 -2.02
N VAL B 93 22.56 31.63 -1.29
CA VAL B 93 21.93 31.43 0.01
C VAL B 93 22.98 31.16 1.09
N TYR B 94 22.76 31.78 2.25
CA TYR B 94 23.72 31.79 3.35
C TYR B 94 23.39 30.73 4.40
N TRP B 95 24.42 30.04 4.89
CA TRP B 95 24.24 29.11 6.00
C TRP B 95 23.74 29.83 7.24
N ASP B 96 22.67 29.30 7.80
CA ASP B 96 22.11 29.77 9.05
C ASP B 96 22.14 28.57 9.99
N ARG B 97 22.99 28.63 11.02
CA ARG B 97 23.24 27.47 11.89
C ARG B 97 21.99 26.90 12.58
N ASP B 98 20.94 27.70 12.63
CA ASP B 98 19.69 27.30 13.26
C ASP B 98 18.61 26.78 12.29
N MET B 99 18.99 26.52 11.04
CA MET B 99 18.02 26.08 10.03
C MET B 99 18.52 24.97 9.11
N LYS C 1 17.98 -6.22 -13.42
CA LYS C 1 18.25 -6.12 -14.89
C LYS C 1 17.38 -5.06 -15.55
N ALA C 2 17.97 -4.31 -16.47
CA ALA C 2 17.30 -3.22 -17.13
C ALA C 2 16.47 -3.72 -18.30
N VAL C 3 15.41 -2.96 -18.60
CA VAL C 3 14.62 -3.12 -19.81
C VAL C 3 15.46 -2.66 -20.99
N ALA C 4 15.32 -3.35 -22.11
CA ALA C 4 15.88 -2.86 -23.35
C ALA C 4 14.67 -2.48 -24.21
N ASN C 5 14.52 -1.18 -24.48
CA ASN C 5 13.34 -0.65 -25.13
C ASN C 5 13.08 -1.29 -26.50
N PHE C 6 11.85 -1.16 -26.98
CA PHE C 6 11.46 -1.77 -28.24
C PHE C 6 11.44 -0.70 -29.34
N ALA C 7 10.29 -0.42 -29.95
CA ALA C 7 10.27 0.60 -31.00
C ALA C 7 10.73 1.95 -30.43
N THR C 8 11.47 2.69 -31.24
CA THR C 8 11.91 4.03 -30.90
C THR C 8 10.69 4.94 -30.88
N MET C 9 10.83 6.12 -30.29
CA MET C 9 9.77 7.12 -30.31
C MET C 9 9.44 7.60 -31.72
N GLY D 1 4.49 -1.73 10.93
CA GLY D 1 3.49 -2.16 9.89
C GLY D 1 2.24 -1.30 9.88
N PRO D 2 1.38 -1.46 8.84
CA PRO D 2 0.16 -0.66 8.61
C PRO D 2 -1.07 -1.18 9.35
N HIS D 3 -2.03 -0.29 9.61
CA HIS D 3 -3.16 -0.62 10.47
C HIS D 3 -4.50 -0.15 9.89
N SER D 4 -5.60 -0.66 10.47
CA SER D 4 -6.95 -0.25 10.07
C SER D 4 -7.95 -0.46 11.20
N MET D 5 -9.07 0.25 11.12
CA MET D 5 -10.24 -0.02 11.95
C MET D 5 -11.50 0.02 11.10
N ARG D 6 -12.45 -0.85 11.41
CA ARG D 6 -13.70 -0.92 10.65
C ARG D 6 -14.90 -1.20 11.52
N TYR D 7 -16.05 -0.61 11.15
CA TYR D 7 -17.32 -1.08 11.66
C TYR D 7 -18.20 -1.56 10.52
N PHE D 8 -18.67 -2.80 10.64
CA PHE D 8 -19.55 -3.41 9.66
C PHE D 8 -20.92 -3.54 10.31
N GLU D 9 -21.93 -2.90 9.72
CA GLU D 9 -23.25 -2.84 10.33
C GLU D 9 -24.29 -3.40 9.39
N THR D 10 -25.32 -4.03 9.97
CA THR D 10 -26.36 -4.69 9.19
C THR D 10 -27.70 -4.49 9.84
N ALA D 11 -28.70 -4.14 9.03
CA ALA D 11 -30.08 -4.18 9.48
C ALA D 11 -30.87 -4.99 8.47
N VAL D 12 -31.60 -5.98 8.98
CA VAL D 12 -32.29 -6.95 8.14
C VAL D 12 -33.77 -7.01 8.49
N SER D 13 -34.61 -6.78 7.49
CA SER D 13 -36.06 -6.81 7.70
C SER D 13 -36.71 -7.93 6.90
N ARG D 14 -37.22 -8.94 7.61
CA ARG D 14 -37.87 -10.07 6.97
C ARG D 14 -39.37 -9.87 6.85
N PRO D 15 -39.98 -10.54 5.87
CA PRO D 15 -41.42 -10.43 5.65
C PRO D 15 -42.22 -11.18 6.69
N GLY D 16 -41.62 -11.43 7.85
CA GLY D 16 -42.28 -12.14 8.93
C GLY D 16 -42.27 -11.45 10.27
N LEU D 17 -41.17 -10.76 10.57
CA LEU D 17 -41.07 -9.98 11.80
C LEU D 17 -41.73 -8.62 11.63
N GLU D 18 -41.82 -7.88 12.74
CA GLU D 18 -42.44 -6.55 12.71
C GLU D 18 -41.39 -5.45 12.84
N GLU D 19 -40.16 -5.85 13.17
CA GLU D 19 -39.06 -4.90 13.31
C GLU D 19 -37.74 -5.56 12.89
N PRO D 20 -36.86 -4.81 12.18
CA PRO D 20 -35.62 -5.37 11.63
C PRO D 20 -34.59 -5.67 12.71
N ARG D 21 -33.65 -6.55 12.37
CA ARG D 21 -32.54 -6.85 13.26
C ARG D 21 -31.30 -6.03 12.90
N TYR D 22 -30.74 -5.37 13.89
CA TYR D 22 -29.54 -4.60 13.74
C TYR D 22 -28.35 -5.24 14.44
N ILE D 23 -27.28 -5.49 13.67
CA ILE D 23 -26.03 -5.99 14.21
C ILE D 23 -24.88 -5.07 13.80
N SER D 24 -23.95 -4.84 14.71
CA SER D 24 -22.77 -4.02 14.43
C SER D 24 -21.54 -4.75 14.92
N VAL D 25 -20.52 -4.84 14.07
CA VAL D 25 -19.29 -5.52 14.39
C VAL D 25 -18.11 -4.59 14.14
N GLY D 26 -17.26 -4.41 15.16
CA GLY D 26 -16.07 -3.59 15.04
C GLY D 26 -14.83 -4.43 14.85
N TYR D 27 -13.93 -3.97 13.97
CA TYR D 27 -12.68 -4.68 13.69
C TYR D 27 -11.48 -3.75 13.87
N VAL D 28 -10.41 -4.27 14.47
CA VAL D 28 -9.12 -3.58 14.51
C VAL D 28 -8.12 -4.50 13.82
N ASP D 29 -7.42 -3.98 12.83
CA ASP D 29 -6.57 -4.79 11.95
C ASP D 29 -7.21 -6.12 11.53
N ASN D 30 -8.47 -6.05 11.10
CA ASN D 30 -9.23 -7.19 10.57
C ASN D 30 -9.62 -8.28 11.59
N LYS D 31 -9.37 -7.99 12.87
CA LYS D 31 -9.73 -8.89 13.96
C LYS D 31 -10.89 -8.29 14.76
N GLU D 32 -11.94 -9.08 14.96
CA GLU D 32 -13.12 -8.63 15.67
C GLU D 32 -12.76 -8.22 17.09
N PHE D 33 -13.22 -7.05 17.52
CA PHE D 33 -12.91 -6.55 18.87
C PHE D 33 -14.11 -6.10 19.70
N VAL D 34 -15.22 -5.76 19.04
CA VAL D 34 -16.45 -5.38 19.75
C VAL D 34 -17.65 -5.82 18.93
N ARG D 35 -18.82 -5.87 19.56
CA ARG D 35 -20.02 -6.34 18.88
C ARG D 35 -21.28 -5.91 19.62
N PHE D 36 -22.32 -5.60 18.85
CA PHE D 36 -23.66 -5.27 19.33
C PHE D 36 -24.67 -6.02 18.47
N ASP D 37 -25.71 -6.58 19.11
CA ASP D 37 -26.76 -7.31 18.42
C ASP D 37 -28.08 -6.96 19.07
N SER D 38 -29.12 -6.71 18.29
CA SER D 38 -30.37 -6.22 18.81
C SER D 38 -31.30 -7.34 19.24
N ASP D 39 -30.88 -8.56 19.00
CA ASP D 39 -31.68 -9.72 19.32
C ASP D 39 -31.37 -10.14 20.73
N ALA D 40 -30.13 -9.89 21.14
CA ALA D 40 -29.71 -10.25 22.46
C ALA D 40 -30.63 -9.72 23.53
N GLU D 41 -30.47 -10.30 24.71
CA GLU D 41 -31.32 -10.16 25.86
C GLU D 41 -31.39 -8.71 26.27
N ASN D 42 -30.23 -8.18 26.61
CA ASN D 42 -30.06 -6.76 26.78
C ASN D 42 -29.11 -6.30 25.71
N PRO D 43 -29.66 -5.76 24.65
CA PRO D 43 -28.88 -5.28 23.53
C PRO D 43 -27.80 -4.33 24.01
N ARG D 44 -26.55 -4.76 23.96
CA ARG D 44 -25.48 -3.92 24.42
C ARG D 44 -24.25 -4.20 23.63
N TYR D 45 -23.33 -3.24 23.60
CA TYR D 45 -22.03 -3.52 23.01
C TYR D 45 -21.24 -4.40 23.97
N GLU D 46 -20.72 -5.50 23.43
CA GLU D 46 -19.96 -6.48 24.20
C GLU D 46 -18.53 -6.58 23.67
N PRO D 47 -17.54 -6.78 24.57
CA PRO D 47 -16.17 -6.95 24.08
C PRO D 47 -16.04 -8.29 23.37
N ARG D 48 -15.11 -8.38 22.43
CA ARG D 48 -14.94 -9.57 21.63
C ARG D 48 -13.51 -10.05 21.60
N ALA D 49 -12.63 -9.29 22.25
CA ALA D 49 -11.23 -9.65 22.38
C ALA D 49 -10.78 -9.35 23.80
N PRO D 50 -10.08 -10.31 24.43
CA PRO D 50 -9.51 -10.15 25.77
C PRO D 50 -8.96 -8.75 26.05
N TRP D 51 -8.19 -8.21 25.11
CA TRP D 51 -7.47 -6.95 25.34
C TRP D 51 -8.37 -5.72 25.51
N MET D 52 -9.62 -5.82 25.04
CA MET D 52 -10.58 -4.71 25.10
C MET D 52 -11.24 -4.54 26.47
N GLU D 53 -11.16 -5.57 27.29
CA GLU D 53 -11.84 -5.60 28.60
C GLU D 53 -11.34 -4.53 29.58
N GLN D 54 -10.24 -3.89 29.22
CA GLN D 54 -9.70 -2.75 29.97
C GLN D 54 -10.70 -1.60 30.12
N GLU D 55 -11.32 -1.19 29.00
CA GLU D 55 -12.20 -0.02 28.97
C GLU D 55 -13.27 -0.07 30.06
N GLY D 56 -13.43 1.05 30.75
CA GLY D 56 -14.37 1.15 31.86
C GLY D 56 -15.82 1.05 31.44
N PRO D 57 -16.75 1.05 32.42
CA PRO D 57 -18.17 0.94 32.13
C PRO D 57 -18.72 2.09 31.29
N GLU D 58 -18.14 3.28 31.43
CA GLU D 58 -18.65 4.47 30.72
C GLU D 58 -18.59 4.29 29.20
N TYR D 59 -17.47 3.75 28.72
CA TYR D 59 -17.28 3.42 27.31
C TYR D 59 -18.44 2.59 26.74
N TRP D 60 -18.71 1.46 27.37
CA TRP D 60 -19.75 0.53 26.92
C TRP D 60 -21.16 1.10 26.98
N GLU D 61 -21.38 2.10 27.84
CA GLU D 61 -22.70 2.74 27.92
C GLU D 61 -22.94 3.68 26.76
N ARG D 62 -21.98 4.58 26.52
CA ARG D 62 -22.08 5.57 25.46
C ARG D 62 -22.14 4.91 24.09
N GLU D 63 -21.29 3.90 23.88
CA GLU D 63 -21.29 3.13 22.64
C GLU D 63 -22.59 2.36 22.44
N THR D 64 -23.17 1.87 23.53
CA THR D 64 -24.45 1.16 23.45
C THR D 64 -25.59 2.08 23.03
N GLN D 65 -25.69 3.25 23.66
CA GLN D 65 -26.72 4.22 23.33
C GLN D 65 -26.55 4.71 21.89
N LYS D 66 -25.30 4.83 21.46
CA LYS D 66 -24.95 5.14 20.08
C LYS D 66 -25.47 4.06 19.12
N ALA D 67 -25.33 2.79 19.50
CA ALA D 67 -25.84 1.67 18.71
C ALA D 67 -27.35 1.69 18.62
N LYS D 68 -27.99 2.20 19.67
CA LYS D 68 -29.44 2.33 19.67
C LYS D 68 -29.91 3.39 18.68
N GLY D 69 -29.10 4.42 18.48
CA GLY D 69 -29.38 5.45 17.47
C GLY D 69 -29.20 4.91 16.05
N GLN D 70 -28.13 4.16 15.82
CA GLN D 70 -27.92 3.51 14.51
C GLN D 70 -29.09 2.62 14.15
N GLU D 71 -29.55 1.81 15.11
CA GLU D 71 -30.74 0.98 14.92
C GLU D 71 -31.89 1.79 14.36
N GLN D 72 -32.25 2.90 15.03
CA GLN D 72 -33.40 3.70 14.58
C GLN D 72 -33.13 4.33 13.21
N TRP D 73 -31.90 4.81 13.02
CA TRP D 73 -31.42 5.30 11.73
C TRP D 73 -31.67 4.28 10.62
N PHE D 74 -31.13 3.08 10.83
CA PHE D 74 -31.27 1.97 9.87
C PHE D 74 -32.72 1.62 9.69
N ARG D 75 -33.48 1.66 10.75
CA ARG D 75 -34.90 1.38 10.72
CA ARG D 75 -34.89 1.40 10.67
C ARG D 75 -35.64 2.39 9.80
N VAL D 76 -35.40 3.66 10.05
CA VAL D 76 -35.97 4.69 9.18
C VAL D 76 -35.46 4.62 7.74
N SER D 77 -34.19 4.26 7.54
CA SER D 77 -33.63 4.19 6.20
C SER D 77 -34.26 3.05 5.40
N LEU D 78 -34.51 1.92 6.07
CA LEU D 78 -35.23 0.81 5.47
C LEU D 78 -36.59 1.20 4.92
N ARG D 79 -37.36 1.94 5.72
N ARG D 79 -37.38 1.95 5.69
CA ARG D 79 -38.67 2.46 5.34
CA ARG D 79 -38.71 2.36 5.22
C ARG D 79 -38.55 3.28 4.07
C ARG D 79 -38.59 3.33 4.05
N ASN D 80 -37.56 4.16 4.07
CA ASN D 80 -37.31 5.11 2.98
C ASN D 80 -36.94 4.39 1.67
N LEU D 81 -36.05 3.41 1.77
CA LEU D 81 -35.54 2.72 0.60
C LEU D 81 -36.65 1.95 -0.11
N LEU D 82 -37.51 1.32 0.70
CA LEU D 82 -38.67 0.59 0.23
C LEU D 82 -39.51 1.49 -0.69
N GLY D 83 -39.75 2.70 -0.23
CA GLY D 83 -40.42 3.71 -1.05
C GLY D 83 -39.65 4.08 -2.31
N TYR D 84 -38.34 4.31 -2.16
CA TYR D 84 -37.50 4.72 -3.28
C TYR D 84 -37.50 3.68 -4.38
N TYR D 85 -37.55 2.40 -4.02
CA TYR D 85 -37.57 1.36 -5.05
C TYR D 85 -38.96 0.78 -5.35
N ASN D 86 -40.01 1.46 -4.92
CA ASN D 86 -41.39 1.01 -5.17
C ASN D 86 -41.56 -0.48 -4.83
N GLN D 87 -40.96 -0.89 -3.72
CA GLN D 87 -41.05 -2.25 -3.21
C GLN D 87 -42.30 -2.29 -2.34
N SER D 88 -43.03 -3.39 -2.37
CA SER D 88 -44.24 -3.47 -1.55
C SER D 88 -44.05 -4.42 -0.37
N ALA D 89 -45.16 -4.92 0.16
CA ALA D 89 -45.16 -5.79 1.33
C ALA D 89 -44.93 -7.22 0.91
N GLY D 90 -44.17 -7.97 1.73
CA GLY D 90 -43.92 -9.38 1.46
C GLY D 90 -42.53 -9.64 0.90
N GLY D 91 -41.57 -8.84 1.33
CA GLY D 91 -40.20 -8.97 0.87
C GLY D 91 -39.24 -8.97 2.02
N SER D 92 -38.07 -9.55 1.78
CA SER D 92 -36.97 -9.51 2.74
C SER D 92 -35.97 -8.46 2.29
N HIS D 93 -35.44 -7.68 3.23
CA HIS D 93 -34.59 -6.54 2.86
C HIS D 93 -33.38 -6.35 3.74
N THR D 94 -32.32 -5.81 3.15
CA THR D 94 -31.03 -5.67 3.84
C THR D 94 -30.34 -4.33 3.58
N LEU D 95 -29.79 -3.76 4.64
CA LEU D 95 -29.01 -2.55 4.51
C LEU D 95 -27.72 -2.76 5.28
N GLN D 96 -26.60 -2.45 4.64
CA GLN D 96 -25.29 -2.69 5.22
C GLN D 96 -24.43 -1.44 5.13
N GLN D 97 -23.49 -1.31 6.06
CA GLN D 97 -22.61 -0.16 6.13
C GLN D 97 -21.22 -0.66 6.50
N MET D 98 -20.20 -0.09 5.85
CA MET D 98 -18.81 -0.25 6.23
C MET D 98 -18.22 1.13 6.43
N SER D 99 -17.58 1.36 7.56
CA SER D 99 -16.81 2.59 7.75
C SER D 99 -15.55 2.37 8.59
N GLY D 100 -14.67 3.37 8.58
CA GLY D 100 -13.47 3.32 9.39
C GLY D 100 -12.27 3.87 8.65
N CYS D 101 -11.09 3.57 9.17
CA CYS D 101 -9.88 4.23 8.72
C CYS D 101 -8.71 3.29 8.52
N ASP D 102 -7.83 3.65 7.58
CA ASP D 102 -6.57 2.96 7.33
C ASP D 102 -5.42 3.89 7.64
N LEU D 103 -4.46 3.38 8.41
CA LEU D 103 -3.24 4.13 8.68
C LEU D 103 -2.08 3.43 7.99
N GLY D 104 -1.10 4.22 7.57
CA GLY D 104 0.17 3.66 7.07
C GLY D 104 1.00 3.24 8.27
N SER D 105 2.16 2.62 8.00
CA SER D 105 3.04 2.20 9.11
C SER D 105 3.47 3.37 10.00
N ASP D 106 3.38 4.58 9.45
CA ASP D 106 3.73 5.79 10.19
C ASP D 106 2.62 6.19 11.15
N TRP D 107 1.52 5.45 11.11
CA TRP D 107 0.34 5.71 11.96
C TRP D 107 -0.53 6.91 11.51
N ARG D 108 -0.22 7.50 10.35
CA ARG D 108 -1.03 8.61 9.80
C ARG D 108 -2.21 8.08 8.97
N LEU D 109 -3.29 8.84 8.91
CA LEU D 109 -4.42 8.48 8.07
C LEU D 109 -3.97 8.31 6.62
N LEU D 110 -4.39 7.21 6.01
CA LEU D 110 -4.08 6.95 4.61
C LEU D 110 -5.35 7.10 3.78
N ARG D 111 -6.46 6.60 4.33
CA ARG D 111 -7.74 6.56 3.61
C ARG D 111 -8.89 6.39 4.59
N GLY D 112 -9.94 7.19 4.43
CA GLY D 112 -11.20 6.99 5.15
C GLY D 112 -12.12 6.15 4.29
N TYR D 113 -13.07 5.44 4.91
CA TYR D 113 -14.07 4.63 4.20
C TYR D 113 -15.48 4.88 4.73
N LEU D 114 -16.43 4.96 3.81
CA LEU D 114 -17.83 5.04 4.16
C LEU D 114 -18.59 4.58 2.94
N GLN D 115 -19.27 3.45 3.07
CA GLN D 115 -20.07 2.91 1.97
C GLN D 115 -21.26 2.10 2.46
N PHE D 116 -22.28 2.05 1.61
CA PHE D 116 -23.55 1.45 1.95
C PHE D 116 -24.00 0.54 0.83
N ALA D 117 -24.70 -0.52 1.21
CA ALA D 117 -25.34 -1.42 0.26
C ALA D 117 -26.78 -1.66 0.67
N TYR D 118 -27.64 -1.72 -0.33
CA TYR D 118 -28.99 -2.13 -0.16
C TYR D 118 -29.14 -3.42 -0.96
N GLU D 119 -29.69 -4.45 -0.30
CA GLU D 119 -29.93 -5.75 -0.93
C GLU D 119 -28.61 -6.34 -1.44
N GLY D 120 -27.52 -6.05 -0.73
CA GLY D 120 -26.21 -6.58 -1.09
C GLY D 120 -25.51 -5.84 -2.22
N ARG D 121 -26.07 -4.72 -2.64
CA ARG D 121 -25.61 -3.98 -3.81
C ARG D 121 -25.23 -2.54 -3.49
N ASP D 122 -24.14 -2.05 -4.07
CA ASP D 122 -23.63 -0.71 -3.77
C ASP D 122 -24.76 0.28 -3.89
N TYR D 123 -24.97 1.06 -2.86
CA TYR D 123 -26.03 2.04 -2.91
C TYR D 123 -25.46 3.46 -2.97
N ILE D 124 -24.64 3.83 -1.99
CA ILE D 124 -23.95 5.11 -1.98
C ILE D 124 -22.65 4.93 -1.20
N ALA D 125 -21.62 5.66 -1.61
CA ALA D 125 -20.33 5.58 -0.94
C ALA D 125 -19.67 6.95 -0.95
N LEU D 126 -18.95 7.26 0.12
CA LEU D 126 -18.17 8.48 0.20
C LEU D 126 -16.87 8.27 -0.54
N ASN D 127 -16.54 9.19 -1.44
CA ASN D 127 -15.30 9.06 -2.21
C ASN D 127 -14.06 9.27 -1.35
N GLU D 128 -12.93 8.77 -1.84
CA GLU D 128 -11.66 8.88 -1.13
C GLU D 128 -11.31 10.32 -0.77
N ASP D 129 -11.86 11.29 -1.49
CA ASP D 129 -11.65 12.73 -1.21
C ASP D 129 -12.40 13.16 0.06
N LEU D 130 -13.26 12.27 0.56
CA LEU D 130 -14.13 12.53 1.71
C LEU D 130 -15.02 13.77 1.54
N LYS D 131 -15.29 14.14 0.28
CA LYS D 131 -16.08 15.32 -0.03
C LYS D 131 -17.29 15.02 -0.92
N THR D 132 -17.13 14.07 -1.82
CA THR D 132 -18.15 13.82 -2.83
C THR D 132 -18.68 12.39 -2.72
N TRP D 133 -19.89 12.17 -3.24
CA TRP D 133 -20.54 10.85 -3.16
C TRP D 133 -20.63 10.19 -4.52
N THR D 134 -20.43 8.88 -4.58
CA THR D 134 -20.91 8.13 -5.74
C THR D 134 -22.12 7.25 -5.42
N ALA D 135 -23.12 7.33 -6.28
CA ALA D 135 -24.39 6.61 -6.17
C ALA D 135 -24.83 6.26 -7.59
N ALA D 136 -24.73 5.00 -7.96
CA ALA D 136 -25.16 4.57 -9.29
C ALA D 136 -26.67 4.66 -9.53
N ASP D 137 -27.47 4.08 -8.64
CA ASP D 137 -28.90 3.87 -8.94
C ASP D 137 -29.69 5.17 -9.10
N MET D 138 -30.65 5.18 -10.03
CA MET D 138 -31.56 6.32 -10.15
C MET D 138 -32.24 6.58 -8.82
N ALA D 139 -32.65 5.50 -8.14
CA ALA D 139 -33.27 5.60 -6.82
C ALA D 139 -32.31 6.17 -5.79
N ALA D 140 -31.01 6.03 -6.01
CA ALA D 140 -30.04 6.46 -5.01
C ALA D 140 -29.74 7.97 -5.08
N GLN D 141 -30.15 8.61 -6.18
CA GLN D 141 -29.89 10.03 -6.40
C GLN D 141 -30.56 10.92 -5.37
N ILE D 142 -31.80 10.58 -5.04
CA ILE D 142 -32.57 11.22 -3.96
C ILE D 142 -31.69 11.36 -2.69
N THR D 143 -31.04 10.28 -2.29
CA THR D 143 -30.21 10.23 -1.10
C THR D 143 -28.97 11.09 -1.27
N ARG D 144 -28.30 10.92 -2.41
CA ARG D 144 -27.15 11.74 -2.76
C ARG D 144 -27.47 13.23 -2.60
N ARG D 145 -28.62 13.66 -3.11
CA ARG D 145 -29.07 15.06 -2.98
C ARG D 145 -29.30 15.45 -1.51
N LYS D 146 -30.11 14.67 -0.80
CA LYS D 146 -30.33 14.88 0.64
C LYS D 146 -29.02 15.18 1.36
N TRP D 147 -28.06 14.28 1.15
CA TRP D 147 -26.79 14.29 1.88
C TRP D 147 -25.83 15.42 1.45
N GLU D 148 -25.85 15.75 0.16
CA GLU D 148 -25.12 16.92 -0.36
C GLU D 148 -25.66 18.21 0.26
N GLN D 149 -26.97 18.39 0.16
CA GLN D 149 -27.63 19.59 0.69
C GLN D 149 -27.56 19.77 2.23
N SER D 150 -27.23 18.70 2.95
CA SER D 150 -27.22 18.75 4.41
C SER D 150 -25.83 18.69 5.00
N GLY D 151 -24.81 18.60 4.16
CA GLY D 151 -23.42 18.56 4.64
C GLY D 151 -22.95 17.25 5.25
N ALA D 152 -23.59 16.15 4.90
CA ALA D 152 -23.24 14.83 5.48
C ALA D 152 -21.76 14.52 5.36
N ALA D 153 -21.20 14.70 4.15
CA ALA D 153 -19.78 14.42 3.89
C ALA D 153 -18.85 15.05 4.93
N GLU D 154 -19.06 16.33 5.22
CA GLU D 154 -18.23 17.06 6.17
C GLU D 154 -18.22 16.36 7.53
N HIS D 155 -19.40 15.95 7.98
CA HIS D 155 -19.55 15.28 9.27
C HIS D 155 -18.84 13.90 9.33
N TYR D 156 -18.99 13.10 8.28
CA TYR D 156 -18.29 11.82 8.17
C TYR D 156 -16.79 12.01 8.09
N LYS D 157 -16.38 13.04 7.35
CA LYS D 157 -14.98 13.42 7.23
C LYS D 157 -14.39 13.73 8.62
N ALA D 158 -15.13 14.51 9.42
CA ALA D 158 -14.71 14.88 10.77
C ALA D 158 -14.52 13.64 11.65
N TYR D 159 -15.47 12.70 11.59
CA TYR D 159 -15.33 11.44 12.32
C TYR D 159 -14.15 10.62 11.80
N LEU D 160 -14.02 10.53 10.47
CA LEU D 160 -13.03 9.66 9.85
C LEU D 160 -11.57 10.09 10.02
N GLU D 161 -11.34 11.40 10.09
CA GLU D 161 -9.97 11.94 10.26
C GLU D 161 -9.61 12.16 11.72
N GLY D 162 -10.61 12.39 12.57
CA GLY D 162 -10.37 12.59 13.99
C GLY D 162 -10.59 11.35 14.83
N GLU D 163 -11.82 11.23 15.34
CA GLU D 163 -12.22 10.17 16.25
C GLU D 163 -11.83 8.76 15.82
N CYS D 164 -12.03 8.42 14.54
CA CYS D 164 -11.61 7.12 14.02
C CYS D 164 -10.11 6.92 14.24
N VAL D 165 -9.32 7.94 13.88
CA VAL D 165 -7.87 7.88 13.98
C VAL D 165 -7.41 7.83 15.45
N GLU D 166 -7.99 8.69 16.26
CA GLU D 166 -7.60 8.84 17.68
C GLU D 166 -7.84 7.57 18.47
N TRP D 167 -8.99 6.95 18.24
CA TRP D 167 -9.34 5.74 18.97
C TRP D 167 -8.59 4.51 18.48
N LEU D 168 -8.28 4.47 17.19
CA LEU D 168 -7.45 3.39 16.65
C LEU D 168 -6.06 3.45 17.25
N HIS D 169 -5.55 4.66 17.40
CA HIS D 169 -4.28 4.90 18.09
C HIS D 169 -4.33 4.34 19.52
N ARG D 170 -5.37 4.72 20.26
CA ARG D 170 -5.59 4.22 21.61
C ARG D 170 -5.73 2.70 21.65
N TYR D 171 -6.49 2.12 20.72
CA TYR D 171 -6.72 0.68 20.73
C TYR D 171 -5.42 -0.07 20.47
N LEU D 172 -4.64 0.43 19.51
CA LEU D 172 -3.37 -0.17 19.12
C LEU D 172 -2.34 -0.16 20.24
N LYS D 173 -2.35 0.91 21.04
CA LYS D 173 -1.43 1.04 22.16
C LYS D 173 -1.72 0.01 23.25
N ASN D 174 -2.98 -0.43 23.31
CA ASN D 174 -3.43 -1.44 24.30
C ASN D 174 -3.13 -2.90 23.90
N GLY D 175 -2.68 -3.11 22.67
CA GLY D 175 -2.30 -4.44 22.18
C GLY D 175 -1.01 -4.94 22.80
N ARG D 181 1.26 -8.76 14.23
CA ARG D 181 2.18 -9.83 13.82
C ARG D 181 1.53 -10.88 12.91
N THR D 182 2.38 -11.73 12.31
CA THR D 182 1.95 -12.66 11.28
C THR D 182 2.36 -14.09 11.60
N ASP D 183 1.59 -15.03 11.08
CA ASP D 183 1.93 -16.44 11.10
C ASP D 183 2.28 -16.88 9.69
N SER D 184 3.49 -17.41 9.54
CA SER D 184 3.92 -17.95 8.25
C SER D 184 3.21 -19.26 7.94
N PRO D 185 2.92 -19.51 6.66
CA PRO D 185 2.34 -20.80 6.31
C PRO D 185 3.37 -21.94 6.38
N LYS D 186 2.96 -23.07 6.97
CA LYS D 186 3.70 -24.31 6.85
C LYS D 186 3.13 -25.03 5.63
N ALA D 187 4.01 -25.43 4.72
CA ALA D 187 3.57 -26.04 3.48
C ALA D 187 4.12 -27.45 3.26
N HIS D 188 3.30 -28.29 2.64
CA HIS D 188 3.70 -29.63 2.22
C HIS D 188 2.88 -30.05 1.02
N VAL D 189 3.33 -31.09 0.31
CA VAL D 189 2.57 -31.66 -0.81
C VAL D 189 2.07 -33.07 -0.48
N THR D 190 0.90 -33.42 -1.02
CA THR D 190 0.37 -34.78 -0.92
C THR D 190 0.09 -35.38 -2.30
N HIS D 191 0.02 -36.71 -2.34
CA HIS D 191 0.01 -37.49 -3.57
C HIS D 191 -1.21 -38.39 -3.56
N HIS D 192 -2.01 -38.31 -4.63
CA HIS D 192 -3.26 -39.04 -4.71
C HIS D 192 -3.46 -39.74 -6.05
N PRO D 193 -4.13 -40.92 -6.05
CA PRO D 193 -4.53 -41.66 -7.26
C PRO D 193 -5.52 -40.89 -8.14
N ARG D 194 -5.41 -41.10 -9.46
CA ARG D 194 -6.38 -40.59 -10.44
C ARG D 194 -6.34 -41.38 -11.75
N GLU D 198 -2.42 -41.97 -13.96
CA GLU D 198 -2.15 -40.59 -13.59
C GLU D 198 -2.30 -40.32 -12.09
N VAL D 199 -1.83 -39.16 -11.64
CA VAL D 199 -1.90 -38.76 -10.23
C VAL D 199 -2.17 -37.27 -10.00
N THR D 200 -2.55 -36.95 -8.77
CA THR D 200 -2.86 -35.59 -8.35
C THR D 200 -1.81 -35.14 -7.34
N LEU D 201 -1.16 -34.00 -7.59
CA LEU D 201 -0.26 -33.40 -6.62
C LEU D 201 -0.96 -32.24 -5.91
N ARG D 202 -1.06 -32.33 -4.59
CA ARG D 202 -1.78 -31.34 -3.80
C ARG D 202 -0.84 -30.56 -2.90
N CYS D 203 -0.69 -29.27 -3.19
CA CYS D 203 0.13 -28.41 -2.34
C CYS D 203 -0.73 -27.85 -1.23
N TRP D 204 -0.34 -28.12 0.01
CA TRP D 204 -1.06 -27.61 1.18
C TRP D 204 -0.34 -26.45 1.83
N ALA D 205 -1.07 -25.37 2.10
CA ALA D 205 -0.56 -24.31 2.99
C ALA D 205 -1.44 -24.24 4.23
N LEU D 206 -0.81 -24.17 5.41
CA LEU D 206 -1.53 -24.26 6.68
C LEU D 206 -0.95 -23.37 7.76
N GLY D 207 -1.80 -23.02 8.72
CA GLY D 207 -1.39 -22.32 9.93
C GLY D 207 -1.00 -20.87 9.74
N PHE D 208 -1.49 -20.25 8.68
CA PHE D 208 -1.05 -18.91 8.31
C PHE D 208 -2.01 -17.80 8.72
N TYR D 209 -1.45 -16.59 8.92
CA TYR D 209 -2.25 -15.40 9.18
C TYR D 209 -1.49 -14.14 8.74
N PRO D 210 -2.15 -13.20 8.02
CA PRO D 210 -3.57 -13.09 7.60
C PRO D 210 -3.97 -14.03 6.46
N ALA D 211 -5.23 -13.95 6.05
CA ALA D 211 -5.79 -14.87 5.04
C ALA D 211 -5.13 -14.83 3.65
N ASP D 212 -4.74 -13.65 3.20
CA ASP D 212 -4.17 -13.47 1.86
C ASP D 212 -2.94 -14.34 1.64
N ILE D 213 -2.96 -15.09 0.54
CA ILE D 213 -1.90 -16.02 0.19
C ILE D 213 -2.00 -16.37 -1.30
N THR D 214 -0.89 -16.75 -1.90
CA THR D 214 -0.91 -17.26 -3.26
C THR D 214 -0.12 -18.56 -3.29
N LEU D 215 -0.72 -19.58 -3.90
CA LEU D 215 -0.04 -20.83 -4.19
C LEU D 215 0.05 -21.00 -5.70
N THR D 216 1.19 -21.42 -6.19
CA THR D 216 1.36 -21.69 -7.62
C THR D 216 2.06 -23.02 -7.87
N TRP D 217 1.76 -23.62 -9.02
CA TRP D 217 2.45 -24.83 -9.50
C TRP D 217 3.14 -24.50 -10.81
N GLN D 218 4.41 -24.90 -10.93
CA GLN D 218 5.17 -24.65 -12.16
C GLN D 218 5.48 -25.90 -13.01
N GLY D 221 8.08 -25.82 -15.89
CA GLY D 221 8.91 -24.64 -16.18
C GLY D 221 8.22 -23.32 -15.85
N GLU D 222 7.02 -23.12 -16.38
CA GLU D 222 6.21 -21.94 -16.09
C GLU D 222 4.95 -22.30 -15.31
N GLU D 223 4.24 -21.28 -14.82
CA GLU D 223 3.09 -21.46 -13.92
C GLU D 223 1.99 -22.38 -14.48
N MET D 228 -5.12 -26.42 -13.06
CA MET D 228 -4.88 -26.36 -11.61
C MET D 228 -6.17 -26.08 -10.83
N GLU D 229 -6.51 -26.98 -9.90
CA GLU D 229 -7.64 -26.77 -9.00
C GLU D 229 -7.17 -26.19 -7.67
N LEU D 230 -7.99 -25.32 -7.09
CA LEU D 230 -7.67 -24.76 -5.78
C LEU D 230 -8.92 -24.80 -4.89
N VAL D 231 -8.83 -24.17 -3.74
CA VAL D 231 -10.02 -23.84 -2.95
C VAL D 231 -9.89 -22.41 -2.51
N GLU D 232 -11.02 -21.80 -2.16
CA GLU D 232 -10.99 -20.51 -1.52
C GLU D 232 -10.37 -20.66 -0.13
N THR D 233 -9.58 -19.69 0.26
CA THR D 233 -8.94 -19.69 1.57
C THR D 233 -10.00 -19.79 2.64
N ARG D 234 -9.70 -20.60 3.67
CA ARG D 234 -10.67 -21.01 4.69
C ARG D 234 -10.06 -20.99 6.09
N PRO D 235 -10.88 -20.64 7.10
CA PRO D 235 -10.44 -20.60 8.49
C PRO D 235 -10.33 -22.01 9.12
N ALA D 236 -9.19 -22.29 9.76
CA ALA D 236 -9.04 -23.53 10.53
C ALA D 236 -9.98 -23.54 11.75
N GLY D 237 -10.43 -22.36 12.15
CA GLY D 237 -11.30 -22.21 13.32
C GLY D 237 -10.55 -21.74 14.56
N ASP D 238 -9.23 -21.74 14.50
CA ASP D 238 -8.36 -21.30 15.62
C ASP D 238 -7.59 -20.00 15.31
N GLY D 239 -8.16 -19.14 14.47
CA GLY D 239 -7.49 -17.90 14.08
C GLY D 239 -6.54 -17.96 12.88
N THR D 240 -6.20 -19.17 12.45
CA THR D 240 -5.33 -19.35 11.28
C THR D 240 -6.11 -19.83 10.04
N PHE D 241 -5.46 -19.84 8.88
CA PHE D 241 -6.16 -20.16 7.63
C PHE D 241 -5.55 -21.32 6.87
N GLN D 242 -6.29 -21.85 5.91
CA GLN D 242 -5.86 -22.99 5.09
C GLN D 242 -6.14 -22.70 3.62
N LYS D 243 -5.34 -23.30 2.75
CA LYS D 243 -5.57 -23.31 1.30
C LYS D 243 -4.75 -24.42 0.70
N TRP D 244 -5.26 -24.98 -0.39
CA TRP D 244 -4.48 -25.92 -1.19
C TRP D 244 -4.67 -25.69 -2.67
N ALA D 245 -3.69 -26.14 -3.45
CA ALA D 245 -3.77 -26.09 -4.91
C ALA D 245 -3.25 -27.40 -5.50
N SER D 246 -3.99 -27.97 -6.43
CA SER D 246 -3.62 -29.26 -7.00
C SER D 246 -3.54 -29.26 -8.52
N VAL D 247 -2.51 -29.93 -9.03
CA VAL D 247 -2.37 -30.21 -10.44
C VAL D 247 -2.39 -31.72 -10.69
N VAL D 248 -2.94 -32.12 -11.83
CA VAL D 248 -2.95 -33.51 -12.24
C VAL D 248 -1.68 -33.80 -13.04
N VAL D 249 -0.92 -34.79 -12.57
CA VAL D 249 0.42 -35.09 -13.09
C VAL D 249 0.48 -36.54 -13.62
N PRO D 250 1.22 -36.78 -14.74
CA PRO D 250 1.57 -38.15 -15.14
C PRO D 250 2.50 -38.85 -14.14
N LEU D 251 2.24 -40.14 -13.89
CA LEU D 251 2.95 -40.92 -12.87
C LEU D 251 4.43 -41.08 -13.20
N GLY D 252 5.26 -41.20 -12.17
CA GLY D 252 6.70 -41.33 -12.35
C GLY D 252 7.45 -40.03 -12.59
N LYS D 253 6.79 -39.08 -13.25
CA LYS D 253 7.37 -37.76 -13.56
C LYS D 253 6.70 -36.62 -12.76
N GLU D 254 6.89 -36.66 -11.44
CA GLU D 254 6.31 -35.65 -10.56
C GLU D 254 7.37 -34.93 -9.73
N GLN D 255 8.63 -35.21 -10.00
CA GLN D 255 9.74 -34.47 -9.40
C GLN D 255 10.03 -33.20 -10.19
N ASN D 256 9.32 -33.05 -11.31
CA ASN D 256 9.44 -31.89 -12.19
C ASN D 256 8.65 -30.69 -11.71
N TYR D 257 7.43 -30.94 -11.23
CA TYR D 257 6.48 -29.92 -10.78
C TYR D 257 6.84 -29.33 -9.43
N THR D 258 6.87 -28.00 -9.35
CA THR D 258 7.16 -27.31 -8.09
C THR D 258 6.04 -26.37 -7.65
N CYS D 259 5.72 -26.43 -6.35
CA CYS D 259 4.72 -25.56 -5.75
C CYS D 259 5.42 -24.39 -5.10
N ARG D 260 4.90 -23.19 -5.33
CA ARG D 260 5.42 -22.01 -4.63
C ARG D 260 4.33 -21.35 -3.79
N VAL D 261 4.71 -20.95 -2.58
CA VAL D 261 3.78 -20.35 -1.62
C VAL D 261 4.20 -18.91 -1.32
N TYR D 262 3.30 -17.96 -1.55
CA TYR D 262 3.57 -16.53 -1.31
C TYR D 262 2.73 -15.98 -0.17
N HIS D 263 3.39 -15.56 0.90
CA HIS D 263 2.70 -14.99 2.04
C HIS D 263 3.51 -13.87 2.67
N GLU D 264 2.81 -12.86 3.20
CA GLU D 264 3.46 -11.66 3.72
C GLU D 264 4.31 -11.91 4.98
N GLY D 265 4.05 -13.02 5.66
CA GLY D 265 4.79 -13.39 6.86
C GLY D 265 6.09 -14.12 6.59
N LEU D 266 6.22 -14.64 5.37
CA LEU D 266 7.43 -15.31 4.92
C LEU D 266 8.61 -14.33 4.67
N PRO D 267 9.85 -14.75 5.01
CA PRO D 267 11.04 -13.96 4.65
C PRO D 267 11.40 -14.08 3.17
N GLU D 268 10.75 -15.02 2.48
CA GLU D 268 10.81 -15.16 1.03
C GLU D 268 9.87 -16.32 0.65
N PRO D 269 9.39 -16.36 -0.61
CA PRO D 269 8.43 -17.41 -0.97
C PRO D 269 9.00 -18.81 -0.76
N LEU D 270 8.13 -19.77 -0.44
CA LEU D 270 8.55 -21.15 -0.22
C LEU D 270 8.54 -21.94 -1.51
N THR D 271 9.56 -22.77 -1.68
CA THR D 271 9.67 -23.65 -2.84
C THR D 271 9.63 -25.09 -2.37
N LEU D 272 8.69 -25.86 -2.93
CA LEU D 272 8.51 -27.25 -2.51
C LEU D 272 8.02 -28.14 -3.64
N ARG D 273 8.21 -29.45 -3.43
CA ARG D 273 7.69 -30.48 -4.32
C ARG D 273 7.40 -31.77 -3.52
N TRP D 274 6.75 -32.75 -4.15
CA TRP D 274 6.44 -34.04 -3.52
C TRP D 274 7.71 -34.81 -3.18
N GLU D 275 7.86 -35.15 -1.90
CA GLU D 275 9.03 -35.88 -1.40
C GLU D 275 8.68 -37.33 -1.06
N ILE E 1 -30.77 -9.06 -4.49
CA ILE E 1 -31.11 -10.36 -5.16
C ILE E 1 -30.37 -11.56 -4.54
N GLN E 2 -30.87 -12.76 -4.83
CA GLN E 2 -30.35 -14.01 -4.29
C GLN E 2 -28.91 -14.32 -4.71
N LYS E 3 -28.06 -14.63 -3.72
CA LYS E 3 -26.71 -15.16 -3.96
C LYS E 3 -26.57 -16.54 -3.30
N THR E 4 -26.18 -17.54 -4.10
CA THR E 4 -26.16 -18.94 -3.65
C THR E 4 -24.92 -19.26 -2.81
N PRO E 5 -25.11 -19.93 -1.67
CA PRO E 5 -24.02 -20.31 -0.76
C PRO E 5 -23.00 -21.25 -1.39
N GLN E 6 -21.72 -20.93 -1.17
CA GLN E 6 -20.60 -21.77 -1.52
C GLN E 6 -20.19 -22.50 -0.25
N ILE E 7 -19.94 -23.80 -0.35
CA ILE E 7 -19.73 -24.63 0.84
C ILE E 7 -18.45 -25.45 0.81
N GLN E 8 -17.68 -25.37 1.89
CA GLN E 8 -16.53 -26.24 2.12
C GLN E 8 -16.67 -27.00 3.44
N VAL E 9 -16.35 -28.29 3.39
CA VAL E 9 -16.37 -29.17 4.56
C VAL E 9 -15.00 -29.80 4.70
N TYR E 10 -14.33 -29.54 5.83
CA TYR E 10 -12.94 -29.93 6.02
C TYR E 10 -12.63 -30.00 7.50
N SER E 11 -11.52 -30.63 7.84
CA SER E 11 -11.10 -30.75 9.24
C SER E 11 -10.04 -29.71 9.59
N ARG E 12 -10.05 -29.28 10.86
CA ARG E 12 -9.07 -28.31 11.32
C ARG E 12 -7.66 -28.84 11.19
N HIS E 13 -7.47 -30.09 11.58
CA HIS E 13 -6.15 -30.70 11.54
C HIS E 13 -6.13 -31.78 10.47
N PRO E 14 -4.93 -32.23 10.07
CA PRO E 14 -4.90 -33.37 9.16
C PRO E 14 -5.59 -34.56 9.84
N PRO E 15 -6.53 -35.22 9.14
CA PRO E 15 -7.37 -36.22 9.74
C PRO E 15 -6.64 -37.55 10.00
N GLU E 16 -7.01 -38.22 11.09
CA GLU E 16 -6.41 -39.49 11.51
C GLU E 16 -7.42 -40.29 12.34
N ASN E 17 -7.69 -41.51 11.90
CA ASN E 17 -8.60 -42.40 12.62
C ASN E 17 -8.25 -42.52 14.11
N GLY E 18 -9.27 -42.41 14.95
CA GLY E 18 -9.12 -42.51 16.40
C GLY E 18 -8.58 -41.27 17.10
N LYS E 19 -8.14 -40.27 16.33
CA LYS E 19 -7.54 -39.07 16.92
C LYS E 19 -8.40 -37.82 16.82
N PRO E 20 -8.95 -37.34 17.96
CA PRO E 20 -9.90 -36.22 18.06
C PRO E 20 -9.53 -35.01 17.20
N ASN E 21 -10.55 -34.39 16.61
CA ASN E 21 -10.36 -33.34 15.62
C ASN E 21 -11.59 -32.41 15.63
N ILE E 22 -11.54 -31.35 14.84
CA ILE E 22 -12.68 -30.47 14.62
C ILE E 22 -13.08 -30.57 13.15
N LEU E 23 -14.38 -30.66 12.90
CA LEU E 23 -14.90 -30.65 11.54
C LEU E 23 -15.57 -29.31 11.26
N ASN E 24 -15.14 -28.66 10.18
CA ASN E 24 -15.66 -27.34 9.80
C ASN E 24 -16.64 -27.39 8.63
N CYS E 25 -17.68 -26.59 8.70
CA CYS E 25 -18.51 -26.29 7.55
C CYS E 25 -18.55 -24.78 7.31
N TYR E 26 -17.79 -24.34 6.32
CA TYR E 26 -17.60 -22.93 6.04
C TYR E 26 -18.46 -22.51 4.86
N VAL E 27 -19.42 -21.63 5.13
CA VAL E 27 -20.41 -21.21 4.14
C VAL E 27 -20.22 -19.72 3.85
N THR E 28 -20.13 -19.37 2.57
CA THR E 28 -19.71 -18.03 2.12
C THR E 28 -20.54 -17.55 0.96
N GLN E 29 -20.43 -16.26 0.67
CA GLN E 29 -20.90 -15.70 -0.60
C GLN E 29 -22.41 -15.75 -0.76
N PHE E 30 -23.15 -15.69 0.34
CA PHE E 30 -24.61 -15.80 0.25
C PHE E 30 -25.38 -14.51 0.63
N HIS E 31 -26.61 -14.43 0.14
CA HIS E 31 -27.50 -13.32 0.42
C HIS E 31 -28.91 -13.75 0.06
N PRO E 32 -29.89 -13.49 0.94
CA PRO E 32 -29.82 -12.75 2.21
C PRO E 32 -29.17 -13.53 3.36
N PRO E 33 -28.93 -12.86 4.50
CA PRO E 33 -28.16 -13.55 5.53
C PRO E 33 -28.92 -14.66 6.31
N HIS E 34 -30.21 -14.83 6.06
CA HIS E 34 -30.95 -15.93 6.70
C HIS E 34 -30.62 -17.31 6.10
N ILE E 35 -29.98 -18.14 6.90
CA ILE E 35 -29.53 -19.45 6.45
C ILE E 35 -29.67 -20.50 7.57
N GLU E 36 -29.92 -21.75 7.17
CA GLU E 36 -29.95 -22.87 8.10
C GLU E 36 -28.88 -23.89 7.72
N ILE E 37 -28.01 -24.18 8.67
CA ILE E 37 -26.89 -25.08 8.49
C ILE E 37 -26.98 -26.25 9.48
N GLN E 38 -26.89 -27.47 8.96
CA GLN E 38 -26.81 -28.68 9.77
C GLN E 38 -25.58 -29.48 9.38
N MET E 39 -24.92 -30.05 10.38
CA MET E 39 -23.91 -31.04 10.11
C MET E 39 -24.49 -32.42 10.37
N LEU E 40 -24.21 -33.36 9.48
CA LEU E 40 -24.80 -34.69 9.53
C LEU E 40 -23.72 -35.76 9.68
N LYS E 41 -23.97 -36.74 10.56
CA LYS E 41 -23.09 -37.90 10.69
C LYS E 41 -23.88 -39.13 10.27
N ASN E 42 -23.31 -39.88 9.32
CA ASN E 42 -23.99 -41.05 8.72
C ASN E 42 -25.49 -40.79 8.48
N GLY E 43 -25.77 -39.66 7.84
CA GLY E 43 -27.12 -39.31 7.42
C GLY E 43 -28.00 -38.69 8.50
N LYS E 44 -27.44 -38.50 9.69
CA LYS E 44 -28.19 -38.04 10.86
C LYS E 44 -27.57 -36.79 11.50
N LYS E 45 -28.44 -35.89 11.98
CA LYS E 45 -28.04 -34.60 12.56
C LYS E 45 -27.14 -34.74 13.78
N ILE E 46 -26.01 -34.04 13.75
CA ILE E 46 -25.14 -33.92 14.91
C ILE E 46 -25.77 -32.86 15.83
N PRO E 47 -25.86 -33.14 17.15
CA PRO E 47 -26.55 -32.23 18.08
C PRO E 47 -25.80 -30.96 18.53
N LYS E 48 -24.54 -31.09 18.93
CA LYS E 48 -23.85 -29.96 19.59
C LYS E 48 -23.03 -29.09 18.62
N VAL E 49 -23.68 -28.55 17.60
CA VAL E 49 -22.96 -27.83 16.53
C VAL E 49 -22.86 -26.32 16.77
N GLU E 50 -21.63 -25.86 16.92
CA GLU E 50 -21.30 -24.47 17.20
C GLU E 50 -21.31 -23.57 15.95
N MET E 51 -22.02 -22.46 16.06
CA MET E 51 -22.28 -21.58 14.94
C MET E 51 -21.66 -20.22 15.24
N SER E 52 -20.61 -19.85 14.50
CA SER E 52 -20.03 -18.52 14.63
C SER E 52 -21.10 -17.45 14.32
N ASP E 53 -20.85 -16.21 14.74
CA ASP E 53 -21.79 -15.12 14.49
C ASP E 53 -21.61 -14.63 13.07
N MET E 54 -22.69 -14.17 12.46
CA MET E 54 -22.58 -13.79 11.08
C MET E 54 -21.77 -12.53 10.84
N SER E 55 -20.98 -12.59 9.79
CA SER E 55 -20.14 -11.52 9.36
C SER E 55 -20.36 -11.34 7.88
N PHE E 56 -19.91 -10.22 7.35
CA PHE E 56 -19.96 -10.03 5.93
C PHE E 56 -18.62 -9.55 5.42
N SER E 57 -18.41 -9.68 4.11
CA SER E 57 -17.14 -9.37 3.50
C SER E 57 -17.18 -8.04 2.75
N LYS E 58 -16.01 -7.58 2.30
CA LYS E 58 -15.90 -6.34 1.55
C LYS E 58 -16.77 -6.27 0.30
N ASP E 59 -17.12 -7.43 -0.26
CA ASP E 59 -18.02 -7.50 -1.40
C ASP E 59 -19.49 -7.55 -0.99
N TRP E 60 -19.75 -7.43 0.32
CA TRP E 60 -21.10 -7.39 0.90
C TRP E 60 -21.75 -8.76 1.16
N SER E 61 -21.08 -9.83 0.75
CA SER E 61 -21.67 -11.16 0.89
C SER E 61 -21.44 -11.70 2.31
N PHE E 62 -22.40 -12.48 2.81
CA PHE E 62 -22.28 -13.04 4.14
C PHE E 62 -21.50 -14.36 4.20
N TYR E 63 -20.87 -14.62 5.34
CA TYR E 63 -20.17 -15.88 5.55
C TYR E 63 -20.38 -16.37 6.98
N ILE E 64 -20.12 -17.65 7.20
CA ILE E 64 -20.44 -18.26 8.49
C ILE E 64 -19.69 -19.59 8.71
N LEU E 65 -19.14 -19.78 9.89
CA LEU E 65 -18.44 -21.02 10.23
C LEU E 65 -19.20 -21.87 11.25
N ALA E 66 -19.75 -23.00 10.79
CA ALA E 66 -20.22 -24.06 11.69
C ALA E 66 -19.06 -25.03 11.92
N HIS E 67 -18.96 -25.54 13.15
CA HIS E 67 -17.97 -26.58 13.48
C HIS E 67 -18.44 -27.52 14.59
N THR E 68 -17.79 -28.68 14.67
CA THR E 68 -18.11 -29.71 15.67
C THR E 68 -16.89 -30.56 15.98
N GLU E 69 -16.81 -31.02 17.22
CA GLU E 69 -15.79 -31.98 17.62
C GLU E 69 -16.19 -33.35 17.10
N PHE E 70 -15.22 -34.07 16.58
CA PHE E 70 -15.45 -35.39 16.03
C PHE E 70 -14.16 -36.17 16.05
N THR E 71 -14.28 -37.49 16.13
CA THR E 71 -13.15 -38.38 15.96
C THR E 71 -13.46 -39.23 14.72
N PRO E 72 -12.61 -39.13 13.70
CA PRO E 72 -12.91 -39.85 12.47
C PRO E 72 -12.64 -41.34 12.56
N THR E 73 -13.61 -42.15 12.12
CA THR E 73 -13.36 -43.55 11.82
C THR E 73 -13.43 -43.74 10.31
N GLU E 74 -12.90 -44.87 9.84
CA GLU E 74 -12.85 -45.18 8.42
C GLU E 74 -14.20 -45.55 7.80
N THR E 75 -15.25 -45.73 8.61
CA THR E 75 -16.59 -46.01 8.07
C THR E 75 -17.58 -44.86 8.16
N ASP E 76 -17.22 -43.81 8.90
CA ASP E 76 -18.15 -42.70 9.09
C ASP E 76 -18.14 -41.75 7.90
N THR E 77 -19.33 -41.34 7.50
CA THR E 77 -19.43 -40.27 6.53
C THR E 77 -19.95 -39.05 7.25
N TYR E 78 -19.31 -37.91 6.98
CA TYR E 78 -19.77 -36.63 7.50
C TYR E 78 -20.20 -35.70 6.38
N ALA E 79 -21.10 -34.79 6.71
CA ALA E 79 -21.72 -33.93 5.72
C ALA E 79 -22.12 -32.59 6.33
N CYS E 80 -22.38 -31.64 5.43
CA CYS E 80 -22.97 -30.38 5.82
C CYS E 80 -24.20 -30.14 4.94
N ARG E 81 -25.30 -29.79 5.57
CA ARG E 81 -26.53 -29.53 4.87
C ARG E 81 -26.98 -28.09 5.11
N VAL E 82 -27.29 -27.41 4.02
CA VAL E 82 -27.50 -25.99 4.03
C VAL E 82 -28.79 -25.64 3.33
N LYS E 83 -29.71 -25.01 4.06
CA LYS E 83 -30.95 -24.48 3.47
C LYS E 83 -30.90 -22.96 3.34
N HIS E 84 -31.13 -22.49 2.12
CA HIS E 84 -31.11 -21.06 1.81
C HIS E 84 -32.13 -20.76 0.73
N ASP E 85 -32.68 -19.55 0.75
CA ASP E 85 -33.80 -19.20 -0.13
C ASP E 85 -33.45 -19.12 -1.63
N SER E 86 -32.16 -19.11 -1.92
CA SER E 86 -31.65 -19.20 -3.29
C SER E 86 -31.83 -20.57 -3.92
N MET E 87 -32.03 -21.60 -3.10
CA MET E 87 -32.15 -22.98 -3.58
C MET E 87 -33.47 -23.60 -3.14
N ALA E 88 -34.19 -24.21 -4.08
CA ALA E 88 -35.47 -24.84 -3.78
C ALA E 88 -35.31 -25.97 -2.75
N GLU E 89 -34.19 -26.71 -2.83
CA GLU E 89 -33.93 -27.79 -1.89
C GLU E 89 -32.60 -27.59 -1.14
N PRO E 90 -32.50 -28.14 0.08
CA PRO E 90 -31.24 -28.13 0.85
C PRO E 90 -30.07 -28.75 0.06
N LYS E 91 -28.89 -28.15 0.19
CA LYS E 91 -27.71 -28.68 -0.47
C LYS E 91 -26.83 -29.36 0.54
N THR E 92 -26.47 -30.60 0.23
CA THR E 92 -25.66 -31.42 1.12
C THR E 92 -24.34 -31.65 0.43
N VAL E 93 -23.25 -31.38 1.15
CA VAL E 93 -21.92 -31.67 0.64
C VAL E 93 -21.12 -32.48 1.66
N TYR E 94 -20.45 -33.52 1.17
CA TYR E 94 -19.80 -34.50 2.01
C TYR E 94 -18.38 -34.15 2.30
N TRP E 95 -17.92 -34.54 3.49
CA TRP E 95 -16.52 -34.39 3.82
C TRP E 95 -15.67 -35.34 2.99
N ASP E 96 -14.65 -34.78 2.35
CA ASP E 96 -13.61 -35.55 1.66
C ASP E 96 -12.31 -35.41 2.45
N ARG E 97 -11.78 -36.55 2.92
N ARG E 97 -11.77 -36.56 2.86
CA ARG E 97 -10.54 -36.58 3.71
CA ARG E 97 -10.58 -36.62 3.71
C ARG E 97 -9.38 -35.85 3.06
C ARG E 97 -9.29 -36.10 3.05
N ASP E 98 -9.33 -35.92 1.73
CA ASP E 98 -8.19 -35.37 0.97
C ASP E 98 -8.39 -33.93 0.52
N MET E 99 -9.52 -33.32 0.91
CA MET E 99 -9.83 -31.98 0.44
C MET E 99 -10.03 -30.95 1.57
N LYS F 1 -14.15 3.36 18.46
CA LYS F 1 -15.39 4.11 18.54
C LYS F 1 -16.09 4.18 17.19
N ALA F 2 -17.39 3.93 17.19
CA ALA F 2 -18.14 3.81 15.97
C ALA F 2 -18.72 5.12 15.51
N VAL F 3 -18.94 5.19 14.22
CA VAL F 3 -19.59 6.32 13.60
C VAL F 3 -21.06 6.40 14.01
N ALA F 4 -21.53 7.62 14.17
CA ALA F 4 -22.96 7.87 14.36
C ALA F 4 -23.44 8.61 13.12
N ASN F 5 -24.39 8.00 12.41
CA ASN F 5 -24.82 8.48 11.09
C ASN F 5 -25.57 9.81 11.17
N PHE F 6 -25.68 10.50 10.03
CA PHE F 6 -26.30 11.82 9.99
C PHE F 6 -27.65 11.74 9.28
N ALA F 7 -27.89 12.49 8.21
CA ALA F 7 -29.16 12.32 7.50
C ALA F 7 -29.41 10.85 7.16
N THR F 8 -30.68 10.45 7.20
CA THR F 8 -31.04 9.10 6.80
C THR F 8 -31.03 8.98 5.27
N MET F 9 -31.24 7.76 4.76
CA MET F 9 -31.31 7.52 3.32
C MET F 9 -32.48 8.32 2.80
#